data_9D0A
#
_entry.id   9D0A
#
_cell.length_a   1.00
_cell.length_b   1.00
_cell.length_c   1.00
_cell.angle_alpha   90.00
_cell.angle_beta   90.00
_cell.angle_gamma   90.00
#
_symmetry.space_group_name_H-M   'P 1'
#
loop_
_entity.id
_entity.type
_entity.pdbx_description
1 polymer 'Guanine nucleotide-binding protein G(I)/G(S)/G(T) subunit beta-1'
2 polymer 'Guanine nucleotide-binding protein G(I)/G(S)/G(O) subunit gamma-2'
3 polymer scFv16
4 polymer 'Proteinase-activated receptor 2'
5 polymer 'Guanine nucleotide-binding protein G(q) subunit alpha, Guanine nucleotide-binding protein G(s) subunit alpha isoforms short chimera,Guanine nucleotide-binding protein G(s) subunit alpha isoforms short'
#
loop_
_entity_poly.entity_id
_entity_poly.type
_entity_poly.pdbx_seq_one_letter_code
_entity_poly.pdbx_strand_id
1 'polypeptide(L)'
;SELDQLRQEAEQLKNQIRDARKACADATLSQITNNIDPVGRIQMRTRRTLRGHLAKIYAMHWGTDSRLLVSASQDGKLII
WDSYTTNKVHAIPLRSSWVMTCAYAPSGNYVACGGLDNICSIYNLKTREGNVRVSRELAGHTGYLSCCRFLDDNQIVTSS
GDTTCALWDIETGQQTTTFTGHTGDVMSLSLAPDTRLFVSGACDASAKLWDVREGMCRQTFTGHESDINAICFFPNGNAF
ATGSDDATCRLFDLRADQELMTYSHDNIICGITSVSFSKSGRLLLAGYDDFNCNVWDALKADRAGVLAGHDNRVSCLGVT
DDGMAVATGSWDSFLKIWN
;
B
2 'polypeptide(L)' NTASIAQARKLVEQLKMEANIDRIKVSKAAADLMAYCEAHAKEDPLLTPVPASENPFRE G
3 'polypeptide(L)'
;DVQLVESGGGLVQPGGSRKLSCSASGFAFSSFGMHWVRQAPEKGLEWVAYISSGSGTIYYADTVKGRFTISRDDPKNTLF
LQMTSLRSEDTAMYYCVRSIYYYGSSPFDFWGQGTTLTVSSGGGGSGGGGSGGGGSDIVMTQATSSVPVTPGESVSISCR
SSKSLLHSNGNTYLYWFLQRPGQSPQLLIYRMSNLASGVPDRFSGSGSGTAFTLTISRLEAEDVGVYYCMQHLEYPLTFG
AGTKLELKAAA
;
E
4 'polypeptide(L)'
;MRSPSAAWLLGAAILLAASLSCSGTIQGTNRSSKGRSLIGKVDGTSHVTGKGVTVETVFSVDEFSASVLTGKLTTVFLPI
VYTIVFVVGLPSNGMALWVFLFRTKKKHPAVIYMANLALADLLSVIWFPLKIAYHIHGNNWIYGEALCNVLIGFFYGNMY
CSILFMTCLSVQRYWVIVNPMGHSRKKANIAIGISLAIWLLILLVTIPLYVVKQTIFIPALNITTCHDVLPEQLLVGDMF
NYFLSLAIGVFLFPAFLTASAYVLMIRMLRSSAMDENSEKKRKRAIKLIVTVLAMYLICFTPSNLLLVVHYFLIKSQGQS
HVYALYIVALCLSTLNSCIDPFVYYFVSHDFRDHAKNALLCRSVRTVKQMQVSLTSKKHSRKSSSYSSSSTTVKTSY
;
R
5 'polypeptide(L)'
;MGCTLSAEDKAAVERSKMIDRNLREDGEKARRELKLLLLGTGESGKSTFIKQMRIIHGSGYSDEDKRGFTKLVYQNIFTA
MQAMIRAMDTLKIPYKYEHNKAHAQLVREVDVEKVSAFENPYVDAIKSLWNDPGIQECYDRRREYQLSDSTKYYLNDLDR
VADPAYLPTQQDVLRVRVPTTGIIEYPFDLQKVNFHMFDVGGQRSERRKWIQCFNDVTAIIFVVDSSDYNRLQEALNDFK
SIWNNRWLRTISVILFLNKQDLLAEKVLAGKSKIEDYFPEFARYTTPEDATPEPGEDPRVTRAKYFIRKEFVDISTASGD
GRHICYPHFTCAVDTENARRIFNDCKDIILQMNLREYNLV
;
A
#
# COMPACT_ATOMS: atom_id res chain seq x y z
N ASP A 37 33.08 23.31 -1.59
CA ASP A 37 31.74 23.91 -1.79
C ASP A 37 30.65 22.85 -1.74
N PRO A 38 30.47 22.23 -0.57
CA PRO A 38 29.47 21.17 -0.41
C PRO A 38 28.07 21.77 -0.24
N VAL A 39 27.12 20.87 0.02
CA VAL A 39 25.73 21.22 0.28
C VAL A 39 25.26 20.69 1.62
N GLY A 40 26.19 20.25 2.46
CA GLY A 40 25.85 19.81 3.81
C GLY A 40 24.85 18.67 3.82
N ARG A 41 23.83 18.80 4.66
CA ARG A 41 22.83 17.76 4.89
C ARG A 41 21.49 18.21 4.32
N ILE A 42 20.97 17.46 3.36
CA ILE A 42 19.64 17.71 2.82
C ILE A 42 18.70 16.83 3.62
N GLN A 43 18.21 17.36 4.75
CA GLN A 43 17.34 16.62 5.64
C GLN A 43 15.89 16.68 5.15
N MET A 44 15.69 16.15 3.95
CA MET A 44 14.35 16.04 3.41
C MET A 44 13.53 15.05 4.24
N ARG A 45 12.21 15.25 4.24
CA ARG A 45 11.33 14.43 5.06
C ARG A 45 10.00 14.27 4.35
N THR A 46 9.28 13.23 4.76
CA THR A 46 7.97 12.95 4.18
C THR A 46 7.01 14.10 4.45
N ARG A 47 6.28 14.50 3.42
CA ARG A 47 5.21 15.48 3.56
C ARG A 47 3.84 14.91 3.23
N ARG A 48 3.77 13.81 2.49
CA ARG A 48 2.53 13.10 2.22
C ARG A 48 2.85 11.62 2.09
N THR A 49 1.82 10.79 2.16
CA THR A 49 1.94 9.36 1.88
C THR A 49 0.77 8.97 1.00
N LEU A 50 1.06 8.68 -0.27
CA LEU A 50 0.02 8.36 -1.25
C LEU A 50 -0.30 6.87 -1.19
N ARG A 51 -0.85 6.47 -0.05
CA ARG A 51 -1.26 5.08 0.13
C ARG A 51 -2.38 4.75 -0.84
N GLY A 52 -2.50 3.47 -1.19
CA GLY A 52 -3.58 3.03 -2.04
C GLY A 52 -3.21 1.91 -3.00
N HIS A 53 -1.93 1.76 -3.31
CA HIS A 53 -1.47 0.60 -4.06
C HIS A 53 -1.52 -0.64 -3.18
N LEU A 54 -2.00 -1.74 -3.75
CA LEU A 54 -2.08 -3.02 -3.05
C LEU A 54 -0.97 -3.98 -3.47
N ALA A 55 0.05 -3.50 -4.18
CA ALA A 55 1.10 -4.35 -4.68
C ALA A 55 2.37 -3.51 -4.87
N LYS A 56 3.34 -4.07 -5.57
CA LYS A 56 4.62 -3.41 -5.76
C LYS A 56 4.52 -2.31 -6.79
N ILE A 57 5.01 -1.12 -6.44
CA ILE A 57 5.05 0.01 -7.36
C ILE A 57 6.32 -0.08 -8.18
N TYR A 58 6.20 0.21 -9.47
CA TYR A 58 7.30 0.03 -10.41
C TYR A 58 7.67 1.29 -11.18
N ALA A 59 6.74 2.22 -11.34
CA ALA A 59 7.02 3.45 -12.07
C ALA A 59 5.99 4.50 -11.69
N MET A 60 6.42 5.76 -11.74
CA MET A 60 5.50 6.88 -11.65
C MET A 60 6.07 8.03 -12.46
N HIS A 61 5.20 8.94 -12.88
CA HIS A 61 5.62 10.08 -13.67
C HIS A 61 4.87 11.33 -13.23
N TRP A 62 5.60 12.44 -13.18
CA TRP A 62 5.03 13.73 -12.79
C TRP A 62 4.42 14.42 -14.00
N GLY A 63 3.15 14.82 -13.86
CA GLY A 63 2.52 15.61 -14.89
C GLY A 63 3.16 16.99 -15.01
N THR A 64 3.02 17.58 -16.21
CA THR A 64 3.65 18.88 -16.45
C THR A 64 3.17 19.92 -15.44
N ASP A 65 1.93 19.78 -14.95
CA ASP A 65 1.39 20.73 -13.99
C ASP A 65 2.07 20.65 -12.63
N SER A 66 3.01 19.72 -12.44
CA SER A 66 3.76 19.55 -11.20
C SER A 66 2.87 19.10 -10.05
N ARG A 67 1.63 18.69 -10.34
CA ARG A 67 0.68 18.28 -9.32
C ARG A 67 0.24 16.83 -9.48
N LEU A 68 -0.09 16.42 -10.70
CA LEU A 68 -0.66 15.11 -10.94
C LEU A 68 0.44 14.09 -11.16
N LEU A 69 0.44 13.03 -10.35
CA LEU A 69 1.27 11.86 -10.57
C LEU A 69 0.44 10.76 -11.22
N VAL A 70 1.12 9.94 -12.02
CA VAL A 70 0.58 8.67 -12.50
C VAL A 70 1.52 7.58 -12.03
N SER A 71 0.98 6.56 -11.37
CA SER A 71 1.78 5.50 -10.77
C SER A 71 1.29 4.15 -11.25
N ALA A 72 2.23 3.24 -11.51
CA ALA A 72 1.96 1.92 -12.03
C ALA A 72 2.45 0.88 -11.04
N SER A 73 1.61 -0.11 -10.75
CA SER A 73 1.95 -1.16 -9.81
C SER A 73 1.43 -2.50 -10.32
N GLN A 74 1.97 -3.58 -9.76
CA GLN A 74 1.60 -4.92 -10.19
C GLN A 74 0.16 -5.26 -9.86
N ASP A 75 -0.51 -4.45 -9.05
CA ASP A 75 -1.92 -4.67 -8.75
C ASP A 75 -2.75 -4.67 -10.02
N GLY A 76 -2.29 -4.01 -11.07
CA GLY A 76 -3.04 -3.89 -12.30
C GLY A 76 -3.79 -2.59 -12.45
N LYS A 77 -3.38 -1.55 -11.73
CA LYS A 77 -4.07 -0.27 -11.73
C LYS A 77 -3.07 0.85 -12.00
N LEU A 78 -3.54 1.88 -12.71
CA LEU A 78 -2.84 3.14 -12.83
C LEU A 78 -3.64 4.19 -12.07
N ILE A 79 -3.00 4.86 -11.12
CA ILE A 79 -3.66 5.81 -10.23
C ILE A 79 -3.10 7.19 -10.52
N ILE A 80 -3.98 8.14 -10.83
CA ILE A 80 -3.60 9.53 -11.00
C ILE A 80 -3.77 10.23 -9.65
N TRP A 81 -2.66 10.58 -9.03
CA TRP A 81 -2.66 11.19 -7.70
C TRP A 81 -2.65 12.69 -7.81
N ASP A 82 -3.35 13.35 -6.89
CA ASP A 82 -3.21 14.79 -6.68
C ASP A 82 -2.30 14.97 -5.46
N SER A 83 -1.02 15.20 -5.72
CA SER A 83 -0.03 15.23 -4.64
C SER A 83 -0.42 16.22 -3.56
N TYR A 84 -0.96 17.37 -3.96
CA TYR A 84 -1.25 18.43 -3.00
C TYR A 84 -2.27 17.99 -1.97
N THR A 85 -3.35 17.36 -2.41
CA THR A 85 -4.43 16.95 -1.52
C THR A 85 -4.42 15.46 -1.20
N THR A 86 -3.47 14.71 -1.74
CA THR A 86 -3.45 13.26 -1.58
C THR A 86 -4.80 12.69 -2.04
N ASN A 87 -5.25 13.17 -3.19
CA ASN A 87 -6.53 12.79 -3.77
C ASN A 87 -6.29 11.94 -5.00
N LYS A 88 -7.04 10.85 -5.12
CA LYS A 88 -6.98 10.00 -6.29
C LYS A 88 -7.90 10.59 -7.37
N VAL A 89 -7.33 10.87 -8.54
CA VAL A 89 -8.06 11.55 -9.60
C VAL A 89 -8.62 10.56 -10.62
N HIS A 90 -7.83 9.56 -11.02
CA HIS A 90 -8.32 8.49 -11.89
C HIS A 90 -7.74 7.16 -11.44
N ALA A 91 -8.48 6.09 -11.72
CA ALA A 91 -7.99 4.72 -11.57
C ALA A 91 -8.21 4.00 -12.89
N ILE A 92 -7.14 3.49 -13.47
CA ILE A 92 -7.17 2.93 -14.82
C ILE A 92 -6.85 1.45 -14.74
N PRO A 93 -7.87 0.58 -14.88
CA PRO A 93 -7.60 -0.86 -14.96
C PRO A 93 -6.80 -1.18 -16.21
N LEU A 94 -5.99 -2.23 -16.13
CA LEU A 94 -5.08 -2.63 -17.20
C LEU A 94 -5.32 -4.07 -17.59
N ARG A 95 -5.12 -4.37 -18.87
CA ARG A 95 -5.23 -5.75 -19.35
C ARG A 95 -4.13 -6.62 -18.77
N SER A 96 -2.90 -6.10 -18.73
CA SER A 96 -1.75 -6.85 -18.23
C SER A 96 -1.36 -6.29 -16.87
N SER A 97 -1.34 -7.17 -15.86
CA SER A 97 -0.98 -6.76 -14.51
C SER A 97 0.53 -6.57 -14.36
N TRP A 98 1.32 -6.99 -15.33
CA TRP A 98 2.78 -6.98 -15.20
C TRP A 98 3.38 -5.70 -15.76
N VAL A 99 2.89 -4.55 -15.29
CA VAL A 99 3.42 -3.27 -15.73
C VAL A 99 4.85 -3.11 -15.23
N MET A 100 5.68 -2.46 -16.05
CA MET A 100 7.02 -2.09 -15.63
C MET A 100 7.43 -0.70 -16.07
N THR A 101 6.54 0.06 -16.72
CA THR A 101 6.83 1.44 -17.07
C THR A 101 5.53 2.22 -17.16
N CYS A 102 5.63 3.53 -17.04
CA CYS A 102 4.48 4.41 -17.15
C CYS A 102 4.95 5.79 -17.59
N ALA A 103 4.03 6.57 -18.13
CA ALA A 103 4.36 7.90 -18.62
C ALA A 103 3.14 8.81 -18.52
N TYR A 104 3.41 10.11 -18.39
CA TYR A 104 2.39 11.15 -18.38
C TYR A 104 2.65 12.06 -19.58
N ALA A 105 1.66 12.18 -20.46
CA ALA A 105 1.85 13.00 -21.64
C ALA A 105 2.10 14.44 -21.25
N PRO A 106 3.03 15.14 -21.92
CA PRO A 106 3.31 16.53 -21.54
C PRO A 106 2.08 17.41 -21.57
N SER A 107 1.17 17.19 -22.51
CA SER A 107 -0.06 17.95 -22.57
C SER A 107 -1.01 17.61 -21.42
N GLY A 108 -0.78 16.50 -20.74
CA GLY A 108 -1.65 16.08 -19.66
C GLY A 108 -2.89 15.33 -20.10
N ASN A 109 -3.00 14.99 -21.38
CA ASN A 109 -4.19 14.30 -21.88
C ASN A 109 -4.04 12.78 -21.81
N TYR A 110 -2.85 12.26 -22.08
CA TYR A 110 -2.63 10.84 -22.28
C TYR A 110 -1.66 10.29 -21.24
N VAL A 111 -1.89 9.06 -20.82
CA VAL A 111 -0.97 8.30 -19.98
C VAL A 111 -0.71 6.96 -20.65
N ALA A 112 0.53 6.49 -20.60
CA ALA A 112 0.94 5.25 -21.23
C ALA A 112 1.56 4.32 -20.20
N CYS A 113 1.44 3.02 -20.45
CA CYS A 113 2.02 2.01 -19.58
C CYS A 113 2.53 0.86 -20.44
N GLY A 114 3.57 0.18 -19.93
CA GLY A 114 4.09 -1.00 -20.58
C GLY A 114 4.52 -2.02 -19.56
N GLY A 115 4.70 -3.26 -20.03
CA GLY A 115 5.06 -4.34 -19.15
C GLY A 115 5.56 -5.58 -19.85
N LEU A 116 5.36 -6.75 -19.24
CA LEU A 116 5.82 -7.99 -19.84
C LEU A 116 5.10 -8.27 -21.15
N ASP A 117 3.81 -7.97 -21.22
CA ASP A 117 3.14 -7.98 -22.51
C ASP A 117 3.82 -6.98 -23.44
N ASN A 118 3.99 -7.37 -24.69
CA ASN A 118 4.79 -6.59 -25.62
C ASN A 118 4.01 -5.43 -26.23
N ILE A 119 2.92 -5.03 -25.60
CA ILE A 119 2.03 -3.99 -26.12
C ILE A 119 2.14 -2.78 -25.19
N CYS A 120 2.35 -1.60 -25.78
CA CYS A 120 2.33 -0.34 -25.05
C CYS A 120 0.96 0.29 -25.23
N SER A 121 0.28 0.56 -24.12
CA SER A 121 -1.09 1.06 -24.14
C SER A 121 -1.11 2.55 -23.88
N ILE A 122 -1.80 3.30 -24.74
CA ILE A 122 -2.00 4.73 -24.57
C ILE A 122 -3.44 4.95 -24.14
N TYR A 123 -3.63 5.69 -23.04
CA TYR A 123 -4.94 5.98 -22.50
C TYR A 123 -5.25 7.46 -22.66
N ASN A 124 -6.53 7.76 -22.89
CA ASN A 124 -7.00 9.13 -23.05
C ASN A 124 -7.74 9.54 -21.77
N LEU A 125 -7.29 10.62 -21.15
CA LEU A 125 -7.86 11.08 -19.88
C LEU A 125 -9.00 12.06 -20.07
N LYS A 126 -8.98 12.86 -21.14
CA LYS A 126 -9.95 13.92 -21.35
C LYS A 126 -11.11 13.45 -22.20
N THR A 127 -11.47 12.17 -22.10
CA THR A 127 -12.63 11.64 -22.77
C THR A 127 -13.89 12.39 -22.36
N ARG A 128 -14.70 12.78 -23.34
CA ARG A 128 -15.95 13.45 -23.03
C ARG A 128 -16.93 12.53 -22.34
N GLU A 129 -16.79 11.21 -22.55
CA GLU A 129 -17.65 10.25 -21.87
C GLU A 129 -17.31 10.15 -20.38
N GLY A 130 -16.19 10.73 -19.95
CA GLY A 130 -15.83 10.78 -18.55
C GLY A 130 -14.82 9.74 -18.12
N ASN A 131 -14.96 8.51 -18.61
CA ASN A 131 -14.07 7.43 -18.21
C ASN A 131 -12.83 7.38 -19.10
N VAL A 132 -11.73 6.91 -18.53
CA VAL A 132 -10.49 6.74 -19.27
C VAL A 132 -10.58 5.46 -20.09
N ARG A 133 -10.20 5.55 -21.37
CA ARG A 133 -10.21 4.39 -22.24
C ARG A 133 -8.92 4.37 -23.06
N VAL A 134 -8.58 3.18 -23.56
CA VAL A 134 -7.39 3.02 -24.39
C VAL A 134 -7.62 3.69 -25.74
N SER A 135 -6.59 4.36 -26.24
CA SER A 135 -6.61 4.93 -27.58
C SER A 135 -5.92 4.05 -28.61
N ARG A 136 -4.76 3.49 -28.26
CA ARG A 136 -4.03 2.60 -29.16
C ARG A 136 -3.22 1.61 -28.32
N GLU A 137 -3.26 0.34 -28.72
CA GLU A 137 -2.45 -0.71 -28.11
C GLU A 137 -1.29 -0.98 -29.05
N LEU A 138 -0.13 -0.41 -28.74
CA LEU A 138 1.03 -0.44 -29.62
C LEU A 138 1.71 -1.80 -29.54
N ALA A 139 1.28 -2.72 -30.41
CA ALA A 139 1.92 -4.02 -30.53
C ALA A 139 3.08 -3.94 -31.53
N GLY A 140 4.00 -4.89 -31.40
CA GLY A 140 5.12 -4.94 -32.33
C GLY A 140 6.43 -5.39 -31.72
N HIS A 141 6.56 -5.33 -30.40
CA HIS A 141 7.80 -5.74 -29.76
C HIS A 141 7.82 -7.25 -29.53
N THR A 142 9.02 -7.81 -29.61
CA THR A 142 9.21 -9.25 -29.43
C THR A 142 9.39 -9.63 -27.97
N GLY A 143 9.57 -8.66 -27.08
CA GLY A 143 9.82 -8.96 -25.68
C GLY A 143 9.16 -7.95 -24.76
N TYR A 144 9.50 -8.01 -23.48
CA TYR A 144 8.85 -7.14 -22.50
C TYR A 144 9.22 -5.68 -22.73
N LEU A 145 8.33 -4.79 -22.30
CA LEU A 145 8.54 -3.35 -22.37
C LEU A 145 9.09 -2.87 -21.04
N SER A 146 10.18 -2.10 -21.09
CA SER A 146 10.85 -1.64 -19.89
C SER A 146 10.67 -0.15 -19.62
N CYS A 147 10.44 0.66 -20.64
CA CYS A 147 10.34 2.10 -20.45
C CYS A 147 9.55 2.71 -21.61
N CYS A 148 8.68 3.66 -21.27
CA CYS A 148 7.91 4.39 -22.26
C CYS A 148 7.88 5.86 -21.87
N ARG A 149 7.99 6.74 -22.86
CA ARG A 149 8.04 8.17 -22.62
C ARG A 149 7.42 8.89 -23.81
N PHE A 150 6.34 9.62 -23.58
CA PHE A 150 5.67 10.34 -24.64
C PHE A 150 6.61 11.35 -25.30
N LEU A 151 6.15 11.88 -26.43
CA LEU A 151 6.90 12.89 -27.16
C LEU A 151 5.89 13.72 -27.94
N ASP A 152 5.78 15.01 -27.59
CA ASP A 152 4.90 15.97 -28.21
C ASP A 152 3.51 15.40 -28.51
N ASP A 153 3.04 14.53 -27.63
CA ASP A 153 1.62 14.16 -27.56
C ASP A 153 1.16 13.29 -28.72
N ASN A 154 2.03 13.07 -29.72
CA ASN A 154 1.69 12.24 -30.85
C ASN A 154 2.71 11.17 -31.17
N GLN A 155 3.93 11.27 -30.64
CA GLN A 155 4.96 10.25 -30.82
C GLN A 155 5.37 9.74 -29.45
N ILE A 156 5.47 8.42 -29.32
CA ILE A 156 5.90 7.78 -28.08
C ILE A 156 7.07 6.87 -28.40
N VAL A 157 8.13 6.97 -27.60
CA VAL A 157 9.32 6.15 -27.76
C VAL A 157 9.36 5.13 -26.63
N THR A 158 9.57 3.87 -26.99
CA THR A 158 9.57 2.77 -26.03
C THR A 158 10.79 1.88 -26.27
N SER A 159 11.23 1.22 -25.20
CA SER A 159 12.32 0.26 -25.26
C SER A 159 11.83 -1.04 -24.65
N SER A 160 12.26 -2.16 -25.24
CA SER A 160 11.77 -3.47 -24.86
C SER A 160 12.94 -4.39 -24.56
N GLY A 161 12.64 -5.50 -23.89
CA GLY A 161 13.65 -6.48 -23.53
C GLY A 161 14.17 -7.29 -24.70
N ASP A 162 13.56 -7.14 -25.88
CA ASP A 162 14.02 -7.83 -27.07
C ASP A 162 15.20 -7.13 -27.75
N THR A 163 15.89 -6.25 -27.03
CA THR A 163 17.09 -5.58 -27.52
C THR A 163 16.78 -4.51 -28.57
N THR A 164 15.57 -3.95 -28.55
CA THR A 164 15.18 -2.94 -29.52
C THR A 164 14.49 -1.78 -28.83
N CYS A 165 14.71 -0.58 -29.36
CA CYS A 165 13.96 0.61 -28.98
C CYS A 165 13.21 1.10 -30.21
N ALA A 166 12.01 1.65 -29.99
CA ALA A 166 11.11 1.96 -31.09
C ALA A 166 10.45 3.31 -30.86
N LEU A 167 10.23 4.04 -31.96
CA LEU A 167 9.44 5.27 -31.97
C LEU A 167 8.16 5.00 -32.74
N TRP A 168 7.03 5.41 -32.17
CA TRP A 168 5.72 5.07 -32.71
C TRP A 168 4.92 6.32 -33.02
N ASP A 169 3.99 6.18 -33.96
CA ASP A 169 2.92 7.15 -34.17
C ASP A 169 1.65 6.59 -33.56
N ILE A 170 1.10 7.29 -32.58
CA ILE A 170 0.01 6.73 -31.78
C ILE A 170 -1.23 6.51 -32.64
N GLU A 171 -1.50 7.41 -33.58
CA GLU A 171 -2.72 7.31 -34.37
C GLU A 171 -2.74 6.03 -35.19
N THR A 172 -1.67 5.78 -35.97
CA THR A 172 -1.64 4.62 -36.85
C THR A 172 -1.23 3.34 -36.14
N GLY A 173 -0.49 3.44 -35.04
CA GLY A 173 -0.05 2.26 -34.33
C GLY A 173 1.14 1.56 -34.93
N GLN A 174 1.83 2.18 -35.89
CA GLN A 174 2.98 1.59 -36.53
C GLN A 174 4.27 2.13 -35.92
N GLN A 175 5.35 1.38 -36.13
CA GLN A 175 6.68 1.80 -35.68
C GLN A 175 7.25 2.76 -36.71
N THR A 176 7.25 4.05 -36.39
CA THR A 176 7.82 5.03 -37.31
C THR A 176 9.32 4.81 -37.49
N THR A 177 9.99 4.32 -36.45
CA THR A 177 11.42 4.03 -36.52
C THR A 177 11.74 2.93 -35.52
N THR A 178 12.65 2.04 -35.91
CA THR A 178 13.09 0.94 -35.06
C THR A 178 14.57 1.09 -34.80
N PHE A 179 14.97 0.93 -33.54
CA PHE A 179 16.36 1.09 -33.13
C PHE A 179 16.91 -0.26 -32.70
N THR A 180 18.03 -0.65 -33.30
CA THR A 180 18.67 -1.92 -33.01
C THR A 180 20.13 -1.70 -32.71
N GLY A 181 20.73 -2.65 -31.98
CA GLY A 181 22.14 -2.59 -31.68
C GLY A 181 22.48 -3.11 -30.30
N HIS A 182 21.51 -3.17 -29.39
CA HIS A 182 21.77 -3.71 -28.08
C HIS A 182 22.04 -5.20 -28.14
N THR A 183 22.99 -5.66 -27.33
CA THR A 183 23.29 -7.08 -27.18
C THR A 183 22.57 -7.68 -25.97
N GLY A 184 21.42 -7.13 -25.62
CA GLY A 184 20.69 -7.59 -24.45
C GLY A 184 19.46 -6.75 -24.23
N ASP A 185 18.76 -7.05 -23.15
CA ASP A 185 17.52 -6.35 -22.84
C ASP A 185 17.80 -4.87 -22.60
N VAL A 186 16.93 -4.02 -23.16
CA VAL A 186 16.97 -2.59 -22.90
C VAL A 186 16.02 -2.28 -21.75
N MET A 187 16.53 -1.60 -20.71
CA MET A 187 15.82 -1.49 -19.45
C MET A 187 15.26 -0.11 -19.14
N SER A 188 15.86 0.96 -19.65
CA SER A 188 15.42 2.29 -19.26
C SER A 188 15.56 3.24 -20.43
N LEU A 189 14.73 4.29 -20.42
CA LEU A 189 14.77 5.35 -21.41
C LEU A 189 14.64 6.69 -20.71
N SER A 190 15.19 7.73 -21.35
CA SER A 190 15.07 9.09 -20.83
C SER A 190 15.09 10.05 -22.00
N LEU A 191 14.07 10.91 -22.06
CA LEU A 191 13.97 11.91 -23.12
C LEU A 191 14.71 13.17 -22.72
N ALA A 192 15.39 13.76 -23.70
CA ALA A 192 16.06 15.03 -23.47
C ALA A 192 15.02 16.14 -23.33
N PRO A 193 15.40 17.27 -22.72
CA PRO A 193 14.45 18.38 -22.60
C PRO A 193 13.92 18.84 -23.94
N ASP A 194 14.76 18.86 -24.98
CA ASP A 194 14.31 19.22 -26.32
C ASP A 194 13.55 18.10 -27.00
N THR A 195 13.70 16.85 -26.53
CA THR A 195 13.03 15.69 -27.09
C THR A 195 13.50 15.34 -28.50
N ARG A 196 14.66 15.85 -28.91
CA ARG A 196 15.25 15.45 -30.19
C ARG A 196 16.12 14.21 -30.05
N LEU A 197 16.66 13.96 -28.86
CA LEU A 197 17.47 12.79 -28.59
C LEU A 197 16.96 12.11 -27.33
N PHE A 198 17.12 10.79 -27.27
CA PHE A 198 16.79 10.02 -26.09
C PHE A 198 17.83 8.92 -25.88
N VAL A 199 18.05 8.56 -24.63
CA VAL A 199 19.09 7.62 -24.24
C VAL A 199 18.43 6.35 -23.70
N SER A 200 19.11 5.22 -23.89
CA SER A 200 18.63 3.93 -23.45
C SER A 200 19.70 3.20 -22.67
N GLY A 201 19.27 2.42 -21.70
CA GLY A 201 20.17 1.56 -20.93
C GLY A 201 19.74 0.11 -21.07
N ALA A 202 20.73 -0.78 -21.18
CA ALA A 202 20.46 -2.19 -21.44
C ALA A 202 21.33 -3.04 -20.51
N CYS A 203 21.01 -4.34 -20.48
CA CYS A 203 21.75 -5.29 -19.66
C CYS A 203 23.12 -5.62 -20.22
N ASP A 204 23.47 -5.07 -21.38
CA ASP A 204 24.83 -5.22 -21.91
C ASP A 204 25.80 -4.27 -21.24
N ALA A 205 25.34 -3.45 -20.30
CA ALA A 205 26.19 -2.55 -19.52
C ALA A 205 26.73 -1.39 -20.35
N SER A 206 25.99 -0.96 -21.36
CA SER A 206 26.36 0.19 -22.16
C SER A 206 25.15 1.11 -22.31
N ALA A 207 25.43 2.42 -22.35
CA ALA A 207 24.39 3.42 -22.52
C ALA A 207 24.39 3.88 -23.98
N LYS A 208 23.26 3.72 -24.64
CA LYS A 208 23.13 4.04 -26.07
C LYS A 208 22.24 5.26 -26.24
N LEU A 209 22.75 6.25 -26.96
CA LEU A 209 22.01 7.47 -27.26
C LEU A 209 21.52 7.41 -28.71
N TRP A 210 20.25 7.74 -28.91
CA TRP A 210 19.59 7.54 -30.19
C TRP A 210 19.01 8.85 -30.71
N ASP A 211 18.66 8.84 -32.00
CA ASP A 211 18.01 9.97 -32.66
C ASP A 211 16.61 9.55 -33.09
N VAL A 212 15.62 10.35 -32.71
CA VAL A 212 14.25 10.05 -33.09
C VAL A 212 14.06 10.18 -34.60
N ARG A 213 14.74 11.15 -35.21
CA ARG A 213 14.57 11.43 -36.64
C ARG A 213 15.56 10.64 -37.51
N GLU A 214 16.86 10.69 -37.17
CA GLU A 214 17.85 10.02 -38.00
C GLU A 214 17.78 8.51 -37.88
N GLY A 215 17.32 8.00 -36.73
CA GLY A 215 17.02 6.58 -36.62
C GLY A 215 18.22 5.66 -36.52
N MET A 216 19.38 6.15 -36.10
CA MET A 216 20.53 5.28 -35.89
C MET A 216 21.33 5.78 -34.69
N CYS A 217 22.14 4.88 -34.14
CA CYS A 217 22.82 5.15 -32.87
C CYS A 217 23.83 6.27 -33.02
N ARG A 218 23.82 7.21 -32.07
CA ARG A 218 24.80 8.29 -32.02
C ARG A 218 25.96 8.00 -31.07
N GLN A 219 25.69 7.41 -29.91
CA GLN A 219 26.75 7.11 -28.95
C GLN A 219 26.37 5.82 -28.23
N THR A 220 27.37 4.98 -27.94
CA THR A 220 27.11 3.68 -27.33
C THR A 220 28.13 3.33 -26.26
N PHE A 221 28.77 4.33 -25.65
CA PHE A 221 29.84 4.06 -24.68
C PHE A 221 29.37 3.13 -23.57
N THR A 222 30.31 2.51 -22.86
CA THR A 222 30.01 1.53 -21.82
C THR A 222 30.90 1.82 -20.62
N GLY A 223 30.95 0.85 -19.69
CA GLY A 223 31.79 0.97 -18.53
C GLY A 223 31.21 0.34 -17.28
N HIS A 224 29.90 0.15 -17.24
CA HIS A 224 29.29 -0.52 -16.10
C HIS A 224 29.63 -2.00 -16.11
N GLU A 225 29.65 -2.60 -14.91
CA GLU A 225 29.97 -4.01 -14.74
C GLU A 225 28.72 -4.90 -14.71
N SER A 226 27.53 -4.33 -14.81
CA SER A 226 26.30 -5.11 -14.70
C SER A 226 25.19 -4.36 -15.41
N ASP A 227 23.95 -4.78 -15.17
CA ASP A 227 22.80 -4.22 -15.86
C ASP A 227 22.61 -2.76 -15.50
N ILE A 228 22.29 -1.95 -16.51
CA ILE A 228 21.90 -0.56 -16.31
C ILE A 228 20.39 -0.54 -16.09
N ASN A 229 19.98 -0.38 -14.83
CA ASN A 229 18.58 -0.57 -14.47
C ASN A 229 17.73 0.68 -14.68
N ALA A 230 18.34 1.87 -14.69
CA ALA A 230 17.58 3.11 -14.78
C ALA A 230 18.42 4.16 -15.48
N ILE A 231 17.74 5.13 -16.08
CA ILE A 231 18.39 6.21 -16.82
C ILE A 231 17.54 7.47 -16.68
N CYS A 232 18.21 8.63 -16.65
CA CYS A 232 17.54 9.90 -16.52
C CYS A 232 18.42 10.99 -17.12
N PHE A 233 17.78 12.05 -17.60
CA PHE A 233 18.47 13.17 -18.24
C PHE A 233 18.73 14.31 -17.26
N PHE A 234 19.91 14.89 -17.36
CA PHE A 234 20.20 16.15 -16.69
C PHE A 234 19.37 17.26 -17.35
N PRO A 235 18.91 18.25 -16.57
CA PRO A 235 17.93 19.20 -17.12
C PRO A 235 18.37 19.92 -18.39
N ASN A 236 19.64 19.88 -18.75
CA ASN A 236 20.13 20.61 -19.92
C ASN A 236 20.21 19.73 -21.17
N GLY A 237 19.97 18.43 -21.06
CA GLY A 237 20.01 17.54 -22.20
C GLY A 237 21.40 17.14 -22.65
N ASN A 238 22.45 17.70 -22.05
CA ASN A 238 23.82 17.36 -22.40
C ASN A 238 24.40 16.26 -21.53
N ALA A 239 23.64 15.73 -20.58
CA ALA A 239 24.14 14.68 -19.70
C ALA A 239 22.98 13.80 -19.25
N PHE A 240 23.33 12.60 -18.82
CA PHE A 240 22.37 11.68 -18.24
C PHE A 240 23.10 10.75 -17.28
N ALA A 241 22.40 10.33 -16.23
CA ALA A 241 22.97 9.52 -15.16
C ALA A 241 22.43 8.11 -15.23
N THR A 242 23.32 7.14 -15.12
CA THR A 242 22.98 5.72 -15.23
C THR A 242 22.91 5.09 -13.86
N GLY A 243 21.87 4.29 -13.63
CA GLY A 243 21.77 3.47 -12.45
C GLY A 243 21.98 2.02 -12.79
N SER A 244 23.03 1.41 -12.22
CA SER A 244 23.45 0.07 -12.60
C SER A 244 23.34 -0.87 -11.41
N ASP A 245 23.16 -2.15 -11.70
CA ASP A 245 22.97 -3.14 -10.65
C ASP A 245 24.25 -3.44 -9.87
N ASP A 246 25.39 -2.94 -10.31
CA ASP A 246 26.64 -3.11 -9.58
C ASP A 246 26.78 -2.13 -8.42
N ALA A 247 25.70 -1.47 -8.04
CA ALA A 247 25.65 -0.57 -6.89
C ALA A 247 26.39 0.74 -7.14
N THR A 248 26.65 1.09 -8.40
CA THR A 248 27.34 2.31 -8.73
C THR A 248 26.57 3.05 -9.83
N CYS A 249 26.49 4.36 -9.70
CA CYS A 249 25.97 5.24 -10.74
C CYS A 249 27.12 5.91 -11.47
N ARG A 250 26.85 6.39 -12.68
CA ARG A 250 27.83 7.13 -13.44
C ARG A 250 27.14 8.29 -14.17
N LEU A 251 27.84 9.41 -14.24
CA LEU A 251 27.35 10.60 -14.93
C LEU A 251 28.06 10.72 -16.27
N PHE A 252 27.28 10.73 -17.35
CA PHE A 252 27.80 10.76 -18.70
C PHE A 252 27.43 12.08 -19.37
N ASP A 253 28.33 12.58 -20.21
CA ASP A 253 28.06 13.71 -21.09
C ASP A 253 28.47 13.31 -22.50
N LEU A 254 27.69 13.76 -23.49
CA LEU A 254 27.93 13.35 -24.86
C LEU A 254 29.31 13.77 -25.33
N ARG A 255 29.74 14.98 -24.97
CA ARG A 255 31.06 15.46 -25.40
C ARG A 255 32.20 14.67 -24.77
N ALA A 256 32.00 14.16 -23.55
CA ALA A 256 33.11 13.53 -22.84
C ALA A 256 33.42 12.14 -23.39
N ASP A 257 32.43 11.42 -23.87
CA ASP A 257 32.58 10.03 -24.33
C ASP A 257 32.98 9.09 -23.19
N GLN A 258 32.95 9.56 -21.95
CA GLN A 258 33.35 8.76 -20.80
C GLN A 258 32.56 9.24 -19.59
N GLU A 259 32.56 8.40 -18.55
CA GLU A 259 31.94 8.82 -17.30
C GLU A 259 32.74 9.95 -16.67
N LEU A 260 32.02 10.96 -16.17
CA LEU A 260 32.66 12.08 -15.49
C LEU A 260 32.71 11.88 -13.98
N MET A 261 31.65 11.35 -13.38
CA MET A 261 31.59 11.12 -11.95
C MET A 261 30.92 9.77 -11.70
N THR A 262 31.37 9.09 -10.65
CA THR A 262 30.82 7.79 -10.26
C THR A 262 30.39 7.87 -8.81
N TYR A 263 29.16 7.44 -8.53
CA TYR A 263 28.58 7.52 -7.20
C TYR A 263 28.51 6.12 -6.61
N SER A 264 29.25 5.90 -5.52
CA SER A 264 29.23 4.61 -4.84
C SER A 264 29.94 4.75 -3.51
N HIS A 265 29.52 3.95 -2.54
CA HIS A 265 30.14 3.93 -1.22
C HIS A 265 30.31 2.47 -0.81
N ASP A 266 31.37 2.20 -0.05
CA ASP A 266 31.70 0.82 0.31
C ASP A 266 30.57 0.18 1.11
N ASN A 267 29.77 0.97 1.82
CA ASN A 267 28.69 0.41 2.63
C ASN A 267 27.42 0.12 1.83
N ILE A 268 27.36 0.53 0.57
CA ILE A 268 26.21 0.27 -0.30
C ILE A 268 26.69 -0.65 -1.41
N ILE A 269 26.17 -1.87 -1.44
CA ILE A 269 26.56 -2.86 -2.44
C ILE A 269 25.31 -3.42 -3.11
N CYS A 270 24.24 -2.63 -3.13
CA CYS A 270 22.97 -3.05 -3.72
C CYS A 270 22.71 -2.24 -5.00
N GLY A 271 21.96 -2.84 -5.91
CA GLY A 271 21.74 -2.22 -7.20
C GLY A 271 20.85 -1.00 -7.12
N ILE A 272 21.06 -0.08 -8.05
CA ILE A 272 20.24 1.12 -8.17
C ILE A 272 19.04 0.82 -9.05
N THR A 273 17.84 1.17 -8.57
CA THR A 273 16.62 0.87 -9.29
C THR A 273 16.06 2.06 -10.07
N SER A 274 16.34 3.29 -9.64
CA SER A 274 15.83 4.45 -10.33
C SER A 274 16.71 5.65 -10.03
N VAL A 275 16.64 6.64 -10.91
CA VAL A 275 17.43 7.85 -10.79
C VAL A 275 16.62 9.02 -11.34
N SER A 276 16.76 10.18 -10.71
CA SER A 276 16.18 11.41 -11.22
C SER A 276 17.03 12.58 -10.70
N PHE A 277 17.09 13.63 -11.50
CA PHE A 277 17.86 14.81 -11.14
C PHE A 277 16.98 15.82 -10.40
N SER A 278 17.63 16.88 -9.92
CA SER A 278 16.95 18.01 -9.32
C SER A 278 16.82 19.13 -10.35
N LYS A 279 16.03 20.15 -9.99
CA LYS A 279 15.73 21.21 -10.96
C LYS A 279 17.00 21.86 -11.48
N SER A 280 18.07 21.84 -10.69
CA SER A 280 19.39 22.33 -11.11
C SER A 280 20.45 21.24 -11.05
N GLY A 281 20.03 19.97 -10.98
CA GLY A 281 20.93 18.85 -11.03
C GLY A 281 21.66 18.54 -9.73
N ARG A 282 21.77 19.51 -8.83
CA ARG A 282 22.59 19.32 -7.64
C ARG A 282 22.16 18.11 -6.83
N LEU A 283 20.86 17.80 -6.82
CA LEU A 283 20.31 16.81 -5.90
C LEU A 283 19.92 15.58 -6.71
N LEU A 284 20.89 14.68 -6.91
CA LEU A 284 20.69 13.47 -7.71
C LEU A 284 20.08 12.39 -6.82
N LEU A 285 18.76 12.33 -6.80
CA LEU A 285 18.07 11.30 -6.04
C LEU A 285 18.15 9.97 -6.76
N ALA A 286 18.49 8.92 -6.02
CA ALA A 286 18.67 7.59 -6.60
C ALA A 286 18.06 6.54 -5.69
N GLY A 287 17.35 5.58 -6.29
CA GLY A 287 16.73 4.50 -5.53
C GLY A 287 17.63 3.28 -5.47
N TYR A 288 17.64 2.62 -4.31
CA TYR A 288 18.51 1.48 -4.05
C TYR A 288 17.67 0.31 -3.55
N ASP A 289 18.17 -0.90 -3.80
CA ASP A 289 17.47 -2.11 -3.40
C ASP A 289 17.48 -2.31 -1.89
N ASP A 290 18.28 -1.54 -1.15
CA ASP A 290 18.36 -1.65 0.30
C ASP A 290 17.28 -0.85 1.01
N PHE A 291 16.20 -0.50 0.31
CA PHE A 291 14.99 0.10 0.88
C PHE A 291 15.15 1.57 1.22
N ASN A 292 16.17 2.25 0.68
CA ASN A 292 16.32 3.69 0.90
C ASN A 292 16.84 4.34 -0.36
N CYS A 293 16.57 5.64 -0.49
CA CYS A 293 17.05 6.44 -1.60
C CYS A 293 18.25 7.25 -1.15
N ASN A 294 19.40 6.99 -1.75
CA ASN A 294 20.60 7.76 -1.47
C ASN A 294 20.59 9.04 -2.28
N VAL A 295 20.69 10.18 -1.58
CA VAL A 295 20.55 11.50 -2.20
C VAL A 295 21.97 11.99 -2.46
N TRP A 296 22.47 11.74 -3.66
CA TRP A 296 23.86 12.03 -3.99
C TRP A 296 24.00 13.45 -4.50
N ASP A 297 25.14 14.06 -4.19
CA ASP A 297 25.50 15.35 -4.75
C ASP A 297 26.06 15.13 -6.15
N ALA A 298 25.32 15.59 -7.16
CA ALA A 298 25.71 15.30 -8.54
C ALA A 298 27.12 15.80 -8.83
N LEU A 299 27.44 17.02 -8.40
CA LEU A 299 28.74 17.60 -8.71
C LEU A 299 29.84 17.10 -7.78
N LYS A 300 29.49 16.69 -6.56
CA LYS A 300 30.49 16.38 -5.54
C LYS A 300 30.66 14.89 -5.29
N ALA A 301 29.70 14.05 -5.70
CA ALA A 301 29.79 12.61 -5.52
C ALA A 301 29.98 12.26 -4.05
N ASP A 302 29.05 12.74 -3.22
CA ASP A 302 29.07 12.47 -1.79
C ASP A 302 27.64 12.24 -1.31
N ARG A 303 27.47 11.26 -0.43
CA ARG A 303 26.15 10.86 0.06
C ARG A 303 25.67 11.92 1.03
N ALA A 304 25.05 12.96 0.49
CA ALA A 304 24.62 14.11 1.28
C ALA A 304 23.29 13.89 2.00
N GLY A 305 22.62 12.77 1.79
CA GLY A 305 21.35 12.54 2.46
C GLY A 305 20.80 11.17 2.11
N VAL A 306 19.81 10.76 2.89
CA VAL A 306 19.16 9.46 2.72
C VAL A 306 17.68 9.63 3.04
N LEU A 307 16.82 9.43 2.04
CA LEU A 307 15.38 9.50 2.23
C LEU A 307 14.83 8.14 2.68
N ALA A 308 15.39 7.66 3.79
CA ALA A 308 14.92 6.41 4.37
C ALA A 308 13.45 6.52 4.74
N GLY A 309 12.80 5.38 4.88
CA GLY A 309 11.40 5.33 5.25
C GLY A 309 10.61 4.24 4.58
N HIS A 310 11.20 3.59 3.58
CA HIS A 310 10.54 2.53 2.85
C HIS A 310 10.86 1.17 3.44
N ASP A 311 9.88 0.27 3.36
CA ASP A 311 9.99 -1.08 3.91
C ASP A 311 10.49 -2.10 2.89
N ASN A 312 10.69 -1.71 1.65
CA ASN A 312 11.15 -2.63 0.62
C ASN A 312 11.93 -1.84 -0.43
N ARG A 313 12.50 -2.56 -1.39
CA ARG A 313 13.34 -1.95 -2.41
C ARG A 313 12.60 -0.80 -3.09
N VAL A 314 13.24 0.36 -3.09
CA VAL A 314 12.64 1.55 -3.68
C VAL A 314 12.86 1.51 -5.18
N SER A 315 11.77 1.44 -5.94
CA SER A 315 11.84 1.12 -7.35
C SER A 315 11.87 2.35 -8.26
N CYS A 316 10.98 3.31 -8.01
CA CYS A 316 10.82 4.46 -8.88
C CYS A 316 11.03 5.73 -8.09
N LEU A 317 11.48 6.79 -8.78
CA LEU A 317 11.87 8.02 -8.10
C LEU A 317 11.86 9.14 -9.12
N GLY A 318 11.01 10.15 -8.90
CA GLY A 318 10.86 11.24 -9.83
C GLY A 318 10.67 12.60 -9.18
N VAL A 319 11.36 13.61 -9.70
CA VAL A 319 11.30 14.97 -9.17
C VAL A 319 10.31 15.77 -10.02
N THR A 320 9.57 16.67 -9.36
CA THR A 320 8.57 17.46 -10.05
C THR A 320 9.21 18.33 -11.13
N ASP A 321 8.36 18.93 -11.96
CA ASP A 321 8.85 19.80 -13.02
C ASP A 321 9.35 21.13 -12.46
N ASP A 322 8.74 21.62 -11.39
CA ASP A 322 9.18 22.86 -10.76
C ASP A 322 10.28 22.63 -9.73
N GLY A 323 10.64 21.39 -9.45
CA GLY A 323 11.65 21.10 -8.46
C GLY A 323 11.18 21.18 -7.03
N MET A 324 9.88 21.20 -6.80
CA MET A 324 9.33 21.45 -5.48
C MET A 324 9.00 20.18 -4.70
N ALA A 325 9.10 19.00 -5.32
CA ALA A 325 8.83 17.77 -4.60
C ALA A 325 9.45 16.61 -5.35
N VAL A 326 9.92 15.62 -4.59
CA VAL A 326 10.40 14.36 -5.15
C VAL A 326 9.50 13.25 -4.64
N ALA A 327 8.85 12.55 -5.56
CA ALA A 327 7.93 11.49 -5.22
C ALA A 327 8.66 10.16 -5.38
N THR A 328 8.52 9.28 -4.40
CA THR A 328 9.26 8.04 -4.37
C THR A 328 8.28 6.90 -4.16
N GLY A 329 8.26 5.95 -5.09
CA GLY A 329 7.46 4.75 -4.99
C GLY A 329 8.36 3.57 -4.70
N SER A 330 7.79 2.53 -4.07
CA SER A 330 8.57 1.39 -3.64
C SER A 330 7.71 0.14 -3.73
N TRP A 331 8.37 -1.02 -3.66
CA TRP A 331 7.67 -2.28 -3.62
C TRP A 331 6.88 -2.46 -2.33
N ASP A 332 6.98 -1.52 -1.39
CA ASP A 332 6.16 -1.53 -0.18
C ASP A 332 4.72 -1.13 -0.44
N SER A 333 4.39 -0.70 -1.66
CA SER A 333 3.06 -0.29 -2.09
C SER A 333 2.73 1.14 -1.66
N PHE A 334 3.70 1.90 -1.17
CA PHE A 334 3.47 3.27 -0.74
C PHE A 334 4.26 4.24 -1.62
N LEU A 335 3.59 5.31 -2.02
CA LEU A 335 4.24 6.44 -2.66
C LEU A 335 4.33 7.58 -1.65
N LYS A 336 5.53 8.13 -1.49
CA LYS A 336 5.79 9.18 -0.51
C LYS A 336 6.26 10.43 -1.23
N ILE A 337 5.74 11.57 -0.80
CA ILE A 337 6.15 12.87 -1.33
C ILE A 337 7.07 13.51 -0.31
N TRP A 338 8.26 13.92 -0.76
CA TRP A 338 9.30 14.41 0.12
C TRP A 338 9.61 15.86 -0.22
N ASN A 339 9.94 16.64 0.80
CA ASN A 339 10.33 18.03 0.62
C ASN A 339 11.17 18.49 1.81
N VAL B 26 37.51 17.70 -22.45
CA VAL B 26 36.54 16.91 -21.66
C VAL B 26 36.16 17.68 -20.40
N SER B 27 37.17 18.19 -19.70
CA SER B 27 36.94 18.85 -18.42
C SER B 27 35.93 19.99 -18.55
N LYS B 28 35.92 20.67 -19.69
CA LYS B 28 34.95 21.74 -19.87
C LYS B 28 33.52 21.21 -19.87
N ALA B 29 33.31 19.92 -20.08
CA ALA B 29 31.98 19.35 -19.91
C ALA B 29 31.52 19.47 -18.46
N ALA B 30 32.36 19.04 -17.52
CA ALA B 30 32.03 19.19 -16.11
C ALA B 30 31.98 20.67 -15.73
N ALA B 31 32.81 21.49 -16.37
CA ALA B 31 32.74 22.94 -16.13
C ALA B 31 31.37 23.48 -16.51
N ASP B 32 30.85 23.06 -17.66
CA ASP B 32 29.52 23.51 -18.09
C ASP B 32 28.43 22.96 -17.18
N LEU B 33 28.60 21.73 -16.70
CA LEU B 33 27.63 21.17 -15.77
C LEU B 33 27.56 22.01 -14.49
N MET B 34 28.73 22.35 -13.93
CA MET B 34 28.75 23.23 -12.76
C MET B 34 28.17 24.59 -13.09
N ALA B 35 28.44 25.09 -14.30
CA ALA B 35 27.90 26.39 -14.69
C ALA B 35 26.38 26.38 -14.69
N TYR B 36 25.78 25.32 -15.25
CA TYR B 36 24.32 25.22 -15.23
C TYR B 36 23.80 25.10 -13.81
N CYS B 37 24.44 24.25 -12.99
CA CYS B 37 23.98 24.07 -11.61
C CYS B 37 23.97 25.39 -10.86
N GLU B 38 25.05 26.17 -10.98
CA GLU B 38 25.10 27.46 -10.31
C GLU B 38 24.11 28.45 -10.93
N ALA B 39 23.92 28.38 -12.25
CA ALA B 39 23.04 29.32 -12.93
C ALA B 39 21.60 29.18 -12.44
N HIS B 40 21.12 27.95 -12.27
CA HIS B 40 19.77 27.71 -11.77
C HIS B 40 19.77 27.22 -10.32
N ALA B 41 20.75 27.67 -9.54
CA ALA B 41 20.88 27.21 -8.16
C ALA B 41 19.78 27.73 -7.23
N LYS B 42 19.01 28.74 -7.66
CA LYS B 42 17.97 29.33 -6.82
C LYS B 42 16.58 28.77 -7.11
N GLU B 43 16.46 27.78 -7.99
CA GLU B 43 15.17 27.21 -8.37
C GLU B 43 14.90 25.85 -7.75
N ASP B 44 15.70 25.43 -6.77
CA ASP B 44 15.60 24.08 -6.23
C ASP B 44 15.09 24.11 -4.80
N PRO B 45 13.78 23.93 -4.57
CA PRO B 45 13.28 23.88 -3.19
C PRO B 45 13.95 22.84 -2.33
N LEU B 46 14.53 21.79 -2.90
CA LEU B 46 15.19 20.76 -2.09
C LEU B 46 16.65 21.07 -1.83
N LEU B 47 17.34 21.71 -2.78
CA LEU B 47 18.68 22.23 -2.49
C LEU B 47 18.63 23.31 -1.42
N THR B 48 17.63 24.20 -1.50
CA THR B 48 17.49 25.32 -0.58
C THR B 48 16.04 25.42 -0.14
N PRO B 49 15.68 24.89 1.04
CA PRO B 49 14.28 24.90 1.46
C PRO B 49 13.65 26.28 1.41
N VAL B 50 12.62 26.43 0.58
CA VAL B 50 11.87 27.68 0.47
C VAL B 50 11.01 27.85 1.73
N PRO B 51 10.59 29.06 2.07
CA PRO B 51 9.75 29.22 3.27
C PRO B 51 8.43 28.48 3.13
N ALA B 52 7.96 27.93 4.24
CA ALA B 52 6.73 27.14 4.23
C ALA B 52 5.52 27.97 3.83
N SER B 53 5.59 29.30 3.98
CA SER B 53 4.47 30.14 3.59
C SER B 53 4.18 30.08 2.11
N GLU B 54 5.17 29.69 1.30
CA GLU B 54 5.02 29.59 -0.15
C GLU B 54 5.20 28.15 -0.63
N ASN B 55 4.76 27.19 0.17
CA ASN B 55 5.00 25.78 -0.12
C ASN B 55 3.70 25.00 -0.08
N PRO B 56 3.48 24.07 -1.03
CA PRO B 56 2.30 23.21 -0.96
C PRO B 56 2.35 22.15 0.12
N PHE B 57 3.39 22.15 0.95
CA PHE B 57 3.51 21.17 2.03
C PHE B 57 3.81 21.86 3.36
N ASP C 1 -22.57 11.11 -29.28
CA ASP C 1 -21.85 12.00 -28.34
C ASP C 1 -22.65 12.15 -27.04
N VAL C 2 -22.11 12.93 -26.10
CA VAL C 2 -22.81 13.15 -24.84
C VAL C 2 -24.16 13.79 -25.12
N GLN C 3 -25.15 13.41 -24.32
CA GLN C 3 -26.50 13.94 -24.46
C GLN C 3 -27.29 13.58 -23.22
N LEU C 4 -28.05 14.54 -22.70
CA LEU C 4 -28.96 14.31 -21.59
C LEU C 4 -30.33 14.84 -21.95
N VAL C 5 -31.35 13.98 -21.84
CA VAL C 5 -32.72 14.33 -22.20
C VAL C 5 -33.60 14.04 -20.99
N GLU C 6 -34.45 15.00 -20.63
CA GLU C 6 -35.28 14.89 -19.45
C GLU C 6 -36.74 15.09 -19.83
N SER C 7 -37.64 14.62 -18.95
CA SER C 7 -39.07 14.74 -19.16
C SER C 7 -39.75 14.77 -17.79
N GLY C 8 -41.07 14.61 -17.80
CA GLY C 8 -41.84 14.60 -16.57
C GLY C 8 -42.52 15.92 -16.23
N GLY C 9 -42.42 16.92 -17.11
CA GLY C 9 -43.00 18.22 -16.84
C GLY C 9 -44.47 18.29 -17.20
N GLY C 10 -44.89 19.41 -17.77
CA GLY C 10 -46.27 19.62 -18.15
C GLY C 10 -47.06 20.36 -17.09
N LEU C 11 -48.23 20.85 -17.49
CA LEU C 11 -49.09 21.57 -16.56
C LEU C 11 -49.52 20.66 -15.42
N VAL C 12 -49.59 21.22 -14.22
CA VAL C 12 -49.93 20.48 -13.02
C VAL C 12 -51.11 21.17 -12.35
N GLN C 13 -52.13 20.40 -12.01
CA GLN C 13 -53.30 20.95 -11.34
C GLN C 13 -52.95 21.37 -9.92
N PRO C 14 -53.73 22.27 -9.32
CA PRO C 14 -53.43 22.71 -7.96
C PRO C 14 -53.32 21.54 -7.00
N GLY C 15 -52.33 21.63 -6.09
CA GLY C 15 -52.14 20.59 -5.10
C GLY C 15 -51.55 19.30 -5.63
N GLY C 16 -51.02 19.29 -6.84
CA GLY C 16 -50.50 18.09 -7.44
C GLY C 16 -49.07 17.82 -7.00
N SER C 17 -48.43 16.89 -7.73
CA SER C 17 -47.05 16.52 -7.47
C SER C 17 -46.51 15.85 -8.73
N ARG C 18 -45.22 16.07 -8.99
CA ARG C 18 -44.61 15.59 -10.22
C ARG C 18 -43.18 15.12 -9.95
N LYS C 19 -42.67 14.28 -10.84
CA LYS C 19 -41.30 13.79 -10.80
C LYS C 19 -40.63 14.09 -12.13
N LEU C 20 -39.57 14.89 -12.09
CA LEU C 20 -38.75 15.10 -13.27
C LEU C 20 -37.72 13.99 -13.40
N SER C 21 -37.50 13.53 -14.63
CA SER C 21 -36.58 12.45 -14.92
C SER C 21 -35.57 12.92 -15.96
N CYS C 22 -34.30 12.60 -15.73
CA CYS C 22 -33.20 12.99 -16.61
C CYS C 22 -32.48 11.72 -17.04
N SER C 23 -32.57 11.40 -18.33
CA SER C 23 -32.01 10.17 -18.87
C SER C 23 -30.68 10.47 -19.54
N ALA C 24 -29.59 10.04 -18.93
CA ALA C 24 -28.27 10.19 -19.51
C ALA C 24 -28.05 9.15 -20.59
N SER C 25 -27.22 9.50 -21.58
CA SER C 25 -26.91 8.59 -22.66
C SER C 25 -25.53 8.93 -23.21
N GLY C 26 -24.73 7.90 -23.45
CA GLY C 26 -23.45 8.07 -24.11
C GLY C 26 -22.32 8.54 -23.24
N PHE C 27 -22.43 8.42 -21.92
CA PHE C 27 -21.31 8.78 -21.05
C PHE C 27 -21.49 8.07 -19.71
N ALA C 28 -20.41 8.05 -18.93
CA ALA C 28 -20.37 7.36 -17.65
C ALA C 28 -21.14 8.17 -16.60
N PHE C 29 -22.46 8.15 -16.73
CA PHE C 29 -23.31 8.91 -15.80
C PHE C 29 -23.03 8.53 -14.36
N SER C 30 -22.61 7.29 -14.11
CA SER C 30 -22.33 6.86 -12.74
C SER C 30 -21.15 7.63 -12.15
N SER C 31 -20.23 8.09 -12.98
CA SER C 31 -19.07 8.83 -12.52
C SER C 31 -19.30 10.33 -12.41
N PHE C 32 -20.45 10.83 -12.87
CA PHE C 32 -20.76 12.25 -12.81
C PHE C 32 -21.76 12.54 -11.71
N GLY C 33 -21.60 13.70 -11.06
CA GLY C 33 -22.64 14.22 -10.22
C GLY C 33 -23.68 14.96 -11.03
N MET C 34 -24.88 15.09 -10.47
CA MET C 34 -26.03 15.64 -11.17
C MET C 34 -26.54 16.88 -10.44
N HIS C 35 -26.88 17.90 -11.22
CA HIS C 35 -27.54 19.10 -10.74
C HIS C 35 -28.86 19.28 -11.48
N TRP C 36 -29.83 19.86 -10.79
CA TRP C 36 -31.03 20.42 -11.41
C TRP C 36 -30.96 21.94 -11.32
N VAL C 37 -31.33 22.61 -12.41
CA VAL C 37 -31.29 24.07 -12.49
C VAL C 37 -32.62 24.56 -13.02
N ARG C 38 -33.02 25.74 -12.57
CA ARG C 38 -34.29 26.33 -12.93
C ARG C 38 -34.06 27.63 -13.69
N GLN C 39 -34.96 27.91 -14.63
CA GLN C 39 -35.02 29.20 -15.30
C GLN C 39 -36.47 29.67 -15.28
N ALA C 40 -36.72 30.79 -14.60
CA ALA C 40 -38.05 31.37 -14.65
C ALA C 40 -38.35 31.83 -16.08
N PRO C 41 -39.62 31.92 -16.45
CA PRO C 41 -39.92 32.26 -17.85
C PRO C 41 -39.25 33.54 -18.32
N GLU C 42 -39.17 34.58 -17.48
CA GLU C 42 -38.49 35.80 -17.86
C GLU C 42 -37.71 36.42 -16.70
N LYS C 43 -37.30 35.61 -15.72
CA LYS C 43 -36.72 36.15 -14.50
C LYS C 43 -35.48 35.37 -14.06
N GLY C 44 -34.62 35.02 -15.02
CA GLY C 44 -33.32 34.49 -14.70
C GLY C 44 -33.34 33.04 -14.25
N LEU C 45 -32.15 32.56 -13.89
CA LEU C 45 -31.94 31.18 -13.49
C LEU C 45 -31.97 31.05 -11.96
N GLU C 46 -32.09 29.81 -11.50
CA GLU C 46 -32.08 29.52 -10.07
C GLU C 46 -31.70 28.05 -9.87
N TRP C 47 -30.81 27.80 -8.92
CA TRP C 47 -30.36 26.45 -8.62
C TRP C 47 -31.45 25.69 -7.85
N VAL C 48 -31.45 24.37 -7.98
CA VAL C 48 -32.50 23.55 -7.40
C VAL C 48 -31.94 22.54 -6.40
N ALA C 49 -31.11 21.63 -6.86
CA ALA C 49 -30.66 20.52 -6.02
C ALA C 49 -29.31 20.02 -6.50
N TYR C 50 -28.79 19.01 -5.82
CA TYR C 50 -27.49 18.43 -6.13
C TYR C 50 -27.40 17.03 -5.57
N ILE C 51 -26.86 16.11 -6.36
CA ILE C 51 -26.55 14.75 -5.92
C ILE C 51 -25.18 14.39 -6.48
N SER C 52 -24.33 13.81 -5.64
CA SER C 52 -22.92 13.64 -5.95
C SER C 52 -22.65 12.31 -6.64
N SER C 53 -21.40 12.15 -7.09
CA SER C 53 -20.95 10.88 -7.66
C SER C 53 -20.81 9.86 -6.53
N GLY C 54 -21.86 9.09 -6.32
CA GLY C 54 -22.00 8.33 -5.09
C GLY C 54 -22.82 9.17 -4.12
N SER C 55 -24.02 8.71 -3.78
CA SER C 55 -25.00 9.54 -3.08
C SER C 55 -24.63 9.69 -1.60
N GLY C 56 -23.43 10.20 -1.36
CA GLY C 56 -23.00 10.50 -0.01
C GLY C 56 -23.29 11.92 0.42
N THR C 57 -23.60 12.80 -0.53
CA THR C 57 -23.86 14.20 -0.24
C THR C 57 -25.03 14.69 -1.09
N ILE C 58 -25.94 15.44 -0.46
CA ILE C 58 -27.08 16.02 -1.15
C ILE C 58 -27.20 17.49 -0.73
N TYR C 59 -27.80 18.29 -1.60
CA TYR C 59 -28.03 19.70 -1.31
C TYR C 59 -29.30 20.14 -2.02
N TYR C 60 -29.99 21.12 -1.43
CA TYR C 60 -31.22 21.65 -1.99
C TYR C 60 -31.21 23.17 -1.90
N ALA C 61 -31.98 23.80 -2.78
CA ALA C 61 -32.23 25.22 -2.67
C ALA C 61 -33.22 25.50 -1.54
N ASP C 62 -33.05 26.66 -0.90
CA ASP C 62 -33.86 26.97 0.28
C ASP C 62 -35.34 27.02 -0.06
N THR C 63 -35.69 27.50 -1.26
CA THR C 63 -37.08 27.65 -1.63
C THR C 63 -37.80 26.31 -1.84
N VAL C 64 -37.05 25.20 -1.88
CA VAL C 64 -37.64 23.90 -2.14
C VAL C 64 -37.21 22.84 -1.13
N LYS C 65 -36.37 23.19 -0.18
CA LYS C 65 -35.79 22.19 0.72
C LYS C 65 -36.90 21.42 1.43
N GLY C 66 -36.73 20.12 1.52
CA GLY C 66 -37.70 19.26 2.19
C GLY C 66 -38.81 18.80 1.27
N ARG C 67 -39.40 19.74 0.52
CA ARG C 67 -40.45 19.38 -0.42
C ARG C 67 -39.92 18.45 -1.51
N PHE C 68 -38.71 18.72 -2.01
CA PHE C 68 -38.14 17.98 -3.11
C PHE C 68 -37.38 16.76 -2.59
N THR C 69 -37.04 15.86 -3.50
CA THR C 69 -36.22 14.69 -3.17
C THR C 69 -35.47 14.28 -4.43
N ILE C 70 -34.20 14.66 -4.50
CA ILE C 70 -33.35 14.31 -5.64
C ILE C 70 -32.94 12.84 -5.50
N SER C 71 -33.06 12.10 -6.60
CA SER C 71 -32.74 10.68 -6.60
C SER C 71 -32.05 10.32 -7.92
N ARG C 72 -31.19 9.31 -7.85
CA ARG C 72 -30.49 8.82 -9.03
C ARG C 72 -30.49 7.29 -9.00
N ASP C 73 -30.40 6.70 -10.19
CA ASP C 73 -30.29 5.25 -10.36
C ASP C 73 -29.11 5.00 -11.29
N ASP C 74 -27.91 4.88 -10.72
CA ASP C 74 -26.70 4.82 -11.53
C ASP C 74 -26.71 3.68 -12.53
N PRO C 75 -27.05 2.44 -12.17
CA PRO C 75 -26.99 1.35 -13.15
C PRO C 75 -27.88 1.55 -14.36
N LYS C 76 -28.88 2.43 -14.29
CA LYS C 76 -29.76 2.70 -15.41
C LYS C 76 -29.51 4.07 -16.03
N ASN C 77 -28.48 4.79 -15.57
CA ASN C 77 -28.14 6.11 -16.11
C ASN C 77 -29.35 7.04 -16.12
N THR C 78 -30.01 7.13 -14.98
CA THR C 78 -31.20 7.95 -14.83
C THR C 78 -31.10 8.79 -13.56
N LEU C 79 -31.65 10.00 -13.62
CA LEU C 79 -31.72 10.90 -12.48
C LEU C 79 -33.16 11.37 -12.32
N PHE C 80 -33.57 11.57 -11.08
CA PHE C 80 -34.92 11.99 -10.75
C PHE C 80 -34.91 13.26 -9.91
N LEU C 81 -36.10 13.80 -9.69
CA LEU C 81 -36.30 14.85 -8.69
C LEU C 81 -37.78 14.78 -8.28
N GLN C 82 -38.05 14.15 -7.15
CA GLN C 82 -39.42 13.98 -6.68
C GLN C 82 -39.91 15.28 -6.05
N MET C 83 -40.96 15.84 -6.62
CA MET C 83 -41.54 17.10 -6.16
C MET C 83 -42.80 16.82 -5.37
N THR C 84 -42.86 17.31 -4.14
CA THR C 84 -44.00 17.10 -3.25
C THR C 84 -44.75 18.41 -3.06
N SER C 85 -46.07 18.33 -3.12
CA SER C 85 -46.93 19.51 -3.02
C SER C 85 -46.67 20.45 -4.20
N LEU C 86 -47.46 21.52 -4.29
CA LEU C 86 -47.34 22.45 -5.40
C LEU C 86 -47.46 23.87 -4.90
N ARG C 87 -46.70 24.77 -5.50
CA ARG C 87 -46.80 26.20 -5.23
C ARG C 87 -46.64 26.96 -6.55
N SER C 88 -47.43 28.03 -6.69
CA SER C 88 -47.46 28.77 -7.95
C SER C 88 -46.07 29.21 -8.38
N GLU C 89 -45.23 29.62 -7.43
CA GLU C 89 -43.90 30.10 -7.79
C GLU C 89 -43.01 29.02 -8.36
N ASP C 90 -43.40 27.75 -8.25
CA ASP C 90 -42.64 26.69 -8.89
C ASP C 90 -42.71 26.75 -10.41
N THR C 91 -43.60 27.56 -10.97
CA THR C 91 -43.71 27.71 -12.41
C THR C 91 -42.41 28.22 -13.00
N ALA C 92 -41.71 27.37 -13.75
CA ALA C 92 -40.45 27.73 -14.36
C ALA C 92 -39.93 26.52 -15.13
N MET C 93 -38.96 26.76 -16.00
CA MET C 93 -38.29 25.68 -16.71
C MET C 93 -37.23 25.05 -15.81
N TYR C 94 -37.07 23.74 -15.95
CA TYR C 94 -36.07 22.98 -15.20
C TYR C 94 -35.11 22.31 -16.16
N TYR C 95 -33.85 22.21 -15.73
CA TYR C 95 -32.78 21.68 -16.56
C TYR C 95 -31.97 20.66 -15.79
N CYS C 96 -31.38 19.72 -16.52
CA CYS C 96 -30.51 18.69 -15.97
C CYS C 96 -29.08 19.00 -16.36
N VAL C 97 -28.16 18.93 -15.39
CA VAL C 97 -26.80 19.40 -15.58
C VAL C 97 -25.85 18.37 -14.99
N ARG C 98 -24.73 18.15 -15.67
CA ARG C 98 -23.70 17.22 -15.23
C ARG C 98 -22.48 17.98 -14.74
N SER C 99 -21.75 17.35 -13.82
CA SER C 99 -20.52 17.94 -13.31
C SER C 99 -19.69 16.84 -12.66
N ILE C 100 -18.39 16.85 -12.93
CA ILE C 100 -17.45 15.88 -12.37
C ILE C 100 -16.30 16.67 -11.77
N TYR C 101 -15.96 16.38 -10.52
CA TYR C 101 -15.00 17.18 -9.76
C TYR C 101 -13.71 16.41 -9.57
N TYR C 102 -12.68 16.83 -10.30
CA TYR C 102 -11.31 16.42 -10.04
C TYR C 102 -10.42 17.57 -10.49
N TYR C 103 -9.15 17.50 -10.10
CA TYR C 103 -8.27 18.66 -10.17
C TYR C 103 -8.50 19.53 -11.42
N GLY C 104 -8.44 18.92 -12.59
CA GLY C 104 -8.58 19.65 -13.83
C GLY C 104 -9.98 19.67 -14.41
N SER C 105 -10.99 19.43 -13.57
CA SER C 105 -12.34 19.27 -14.07
C SER C 105 -12.91 20.60 -14.58
N SER C 106 -14.02 20.48 -15.31
CA SER C 106 -14.79 21.63 -15.81
C SER C 106 -16.25 21.41 -15.45
N PRO C 107 -16.65 21.72 -14.22
CA PRO C 107 -18.04 21.46 -13.81
C PRO C 107 -19.03 22.20 -14.68
N PHE C 108 -20.23 21.61 -14.80
CA PHE C 108 -21.31 22.16 -15.61
C PHE C 108 -20.98 22.16 -17.10
N ASP C 109 -20.33 21.10 -17.56
CA ASP C 109 -19.94 21.02 -18.96
C ASP C 109 -21.15 20.91 -19.87
N PHE C 110 -22.11 20.06 -19.52
CA PHE C 110 -23.23 19.72 -20.39
C PHE C 110 -24.55 20.02 -19.71
N TRP C 111 -25.52 20.43 -20.53
CA TRP C 111 -26.87 20.75 -20.07
C TRP C 111 -27.89 20.04 -20.95
N GLY C 112 -28.95 19.55 -20.34
CA GLY C 112 -30.06 19.00 -21.10
C GLY C 112 -30.88 20.10 -21.75
N GLN C 113 -31.84 19.68 -22.56
CA GLN C 113 -32.70 20.64 -23.24
C GLN C 113 -33.79 21.19 -22.32
N GLY C 114 -34.03 20.56 -21.18
CA GLY C 114 -34.96 21.08 -20.20
C GLY C 114 -36.38 20.59 -20.41
N THR C 115 -37.15 20.67 -19.33
CA THR C 115 -38.56 20.27 -19.33
C THR C 115 -39.37 21.32 -18.62
N THR C 116 -40.44 21.79 -19.26
CA THR C 116 -41.25 22.86 -18.72
C THR C 116 -42.20 22.33 -17.65
N LEU C 117 -42.29 23.05 -16.53
CA LEU C 117 -43.20 22.72 -15.44
C LEU C 117 -43.92 23.98 -14.98
N THR C 118 -44.46 24.73 -15.94
CA THR C 118 -45.24 25.91 -15.62
C THR C 118 -46.49 25.53 -14.85
N VAL C 119 -46.93 26.42 -13.98
CA VAL C 119 -48.04 26.18 -13.09
C VAL C 119 -49.03 27.33 -13.20
N SER C 120 -50.31 27.02 -13.07
CA SER C 120 -51.37 28.02 -13.14
C SER C 120 -52.54 27.57 -12.28
N SER C 121 -53.38 28.53 -11.91
CA SER C 121 -54.56 28.25 -11.10
C SER C 121 -55.58 29.38 -11.23
N ASP C 137 -26.88 33.20 1.84
CA ASP C 137 -26.38 32.76 0.54
C ASP C 137 -25.75 33.92 -0.21
N ILE C 138 -24.63 33.65 -0.88
CA ILE C 138 -23.95 34.69 -1.63
C ILE C 138 -24.87 35.19 -2.73
N VAL C 139 -24.65 36.43 -3.15
CA VAL C 139 -25.46 37.07 -4.18
C VAL C 139 -24.56 37.49 -5.34
N MET C 140 -24.85 36.97 -6.52
CA MET C 140 -24.26 37.45 -7.76
C MET C 140 -25.16 38.52 -8.36
N THR C 141 -24.56 39.57 -8.89
CA THR C 141 -25.34 40.65 -9.49
C THR C 141 -24.54 41.27 -10.62
N GLN C 142 -25.27 41.82 -11.61
CA GLN C 142 -24.65 42.48 -12.75
C GLN C 142 -25.56 43.62 -13.19
N ALA C 143 -25.02 44.84 -13.18
CA ALA C 143 -25.82 46.01 -13.54
C ALA C 143 -26.24 45.99 -15.01
N THR C 144 -25.48 45.31 -15.86
CA THR C 144 -25.78 45.26 -17.30
C THR C 144 -26.88 44.24 -17.53
N SER C 145 -28.11 44.64 -17.19
CA SER C 145 -29.26 43.77 -17.41
C SER C 145 -29.43 43.47 -18.89
N SER C 146 -29.29 44.47 -19.74
CA SER C 146 -29.36 44.28 -21.19
C SER C 146 -28.60 45.41 -21.87
N VAL C 147 -28.11 45.13 -23.06
CA VAL C 147 -27.32 46.10 -23.82
C VAL C 147 -27.40 45.76 -25.30
N PRO C 148 -27.50 46.74 -26.20
CA PRO C 148 -27.42 46.46 -27.63
C PRO C 148 -25.98 46.24 -28.07
N VAL C 149 -25.81 45.36 -29.05
CA VAL C 149 -24.49 45.01 -29.58
C VAL C 149 -24.60 44.80 -31.08
N THR C 150 -23.49 45.00 -31.78
CA THR C 150 -23.41 44.82 -33.21
C THR C 150 -22.22 43.93 -33.56
N PRO C 151 -22.28 43.24 -34.70
CA PRO C 151 -21.15 42.38 -35.08
C PRO C 151 -19.87 43.17 -35.22
N GLY C 152 -18.76 42.52 -34.87
CA GLY C 152 -17.45 43.14 -34.93
C GLY C 152 -17.00 43.82 -33.67
N GLU C 153 -17.89 44.01 -32.70
CA GLU C 153 -17.52 44.63 -31.44
C GLU C 153 -16.74 43.66 -30.57
N SER C 154 -16.20 44.19 -29.48
CA SER C 154 -15.49 43.39 -28.48
C SER C 154 -16.17 43.52 -27.13
N VAL C 155 -17.49 43.42 -27.12
CA VAL C 155 -18.28 43.67 -25.91
C VAL C 155 -17.77 42.80 -24.77
N SER C 156 -17.85 43.35 -23.55
CA SER C 156 -17.44 42.65 -22.34
C SER C 156 -18.51 42.81 -21.28
N ILE C 157 -18.94 41.71 -20.69
CA ILE C 157 -19.96 41.72 -19.65
C ILE C 157 -19.27 41.74 -18.30
N SER C 158 -20.01 42.14 -17.26
CA SER C 158 -19.47 42.20 -15.91
C SER C 158 -20.53 41.73 -14.93
N CYS C 159 -20.07 41.00 -13.91
CA CYS C 159 -20.93 40.50 -12.84
C CYS C 159 -20.20 40.74 -11.52
N ARG C 160 -20.98 40.92 -10.45
CA ARG C 160 -20.44 41.32 -9.16
C ARG C 160 -20.85 40.32 -8.10
N SER C 161 -19.98 40.17 -7.09
CA SER C 161 -20.16 39.20 -6.03
C SER C 161 -20.29 39.92 -4.68
N SER C 162 -21.04 39.28 -3.78
CA SER C 162 -21.17 39.77 -2.40
C SER C 162 -20.05 39.29 -1.50
N LYS C 163 -19.13 38.47 -2.01
CA LYS C 163 -17.98 38.02 -1.25
C LYS C 163 -16.90 37.61 -2.25
N SER C 164 -15.65 37.85 -1.87
CA SER C 164 -14.54 37.47 -2.74
C SER C 164 -14.54 35.96 -2.95
N LEU C 165 -14.35 35.55 -4.20
CA LEU C 165 -14.40 34.15 -4.59
C LEU C 165 -13.04 33.49 -4.65
N LEU C 166 -11.96 34.23 -4.43
CA LEU C 166 -10.61 33.67 -4.50
C LEU C 166 -10.29 32.98 -3.18
N HIS C 167 -10.77 31.76 -3.04
CA HIS C 167 -10.45 30.95 -1.88
C HIS C 167 -8.96 30.58 -1.93
N SER C 168 -8.37 30.41 -0.75
CA SER C 168 -6.92 30.31 -0.64
C SER C 168 -6.30 29.28 -1.58
N ASN C 169 -7.11 28.34 -2.11
CA ASN C 169 -6.56 27.37 -3.05
C ASN C 169 -6.01 28.00 -4.30
N GLY C 170 -6.45 29.22 -4.64
CA GLY C 170 -6.26 29.76 -5.96
C GLY C 170 -7.42 29.47 -6.90
N ASN C 171 -8.37 28.64 -6.48
CA ASN C 171 -9.57 28.40 -7.27
C ASN C 171 -10.56 29.54 -7.07
N THR C 172 -11.41 29.74 -8.07
CA THR C 172 -12.36 30.85 -8.06
C THR C 172 -13.62 30.36 -8.77
N TYR C 173 -14.61 29.93 -7.98
CA TYR C 173 -15.74 29.16 -8.50
C TYR C 173 -16.87 30.06 -9.00
N LEU C 174 -16.55 30.99 -9.90
CA LEU C 174 -17.57 31.75 -10.62
C LEU C 174 -17.76 31.12 -11.99
N TYR C 175 -19.01 31.11 -12.46
CA TYR C 175 -19.35 30.42 -13.70
C TYR C 175 -20.10 31.37 -14.63
N TRP C 176 -19.98 31.09 -15.93
CA TRP C 176 -20.63 31.87 -16.98
C TRP C 176 -21.23 30.92 -18.01
N PHE C 177 -22.43 31.24 -18.48
CA PHE C 177 -23.13 30.42 -19.46
C PHE C 177 -23.84 31.33 -20.47
N LEU C 178 -24.32 30.73 -21.55
CA LEU C 178 -25.06 31.42 -22.59
C LEU C 178 -26.32 30.63 -22.92
N GLN C 179 -27.48 31.21 -22.62
CA GLN C 179 -28.77 30.58 -22.94
C GLN C 179 -29.28 31.20 -24.23
N ARG C 180 -28.72 30.72 -25.35
CA ARG C 180 -29.12 31.22 -26.65
C ARG C 180 -30.63 31.06 -26.84
N PRO C 181 -31.22 31.78 -27.79
CA PRO C 181 -32.68 31.70 -27.96
C PRO C 181 -33.13 30.27 -28.23
N GLY C 182 -34.14 29.84 -27.50
CA GLY C 182 -34.67 28.50 -27.67
C GLY C 182 -33.66 27.40 -27.46
N GLN C 183 -32.57 27.68 -26.73
CA GLN C 183 -31.47 26.75 -26.57
C GLN C 183 -31.07 26.68 -25.11
N SER C 184 -30.59 25.50 -24.70
CA SER C 184 -30.16 25.30 -23.33
C SER C 184 -28.84 26.03 -23.07
N PRO C 185 -28.55 26.40 -21.82
CA PRO C 185 -27.29 27.09 -21.53
C PRO C 185 -26.09 26.22 -21.89
N GLN C 186 -25.05 26.88 -22.40
CA GLN C 186 -23.79 26.22 -22.71
C GLN C 186 -22.68 26.89 -21.91
N LEU C 187 -21.80 26.07 -21.34
CA LEU C 187 -20.78 26.56 -20.44
C LEU C 187 -19.69 27.27 -21.22
N LEU C 188 -19.53 28.57 -20.95
CA LEU C 188 -18.50 29.37 -21.60
C LEU C 188 -17.21 29.40 -20.80
N ILE C 189 -17.27 29.90 -19.57
CA ILE C 189 -16.12 30.02 -18.69
C ILE C 189 -16.45 29.30 -17.39
N TYR C 190 -15.58 28.39 -16.97
CA TYR C 190 -15.72 27.70 -15.70
C TYR C 190 -14.54 28.08 -14.81
N ARG C 191 -14.82 28.20 -13.52
CA ARG C 191 -13.84 28.66 -12.54
C ARG C 191 -13.22 29.98 -12.99
N MET C 192 -14.09 30.89 -13.45
CA MET C 192 -13.74 32.29 -13.69
C MET C 192 -12.89 32.60 -14.91
N SER C 193 -12.15 31.63 -15.43
CA SER C 193 -11.20 31.96 -16.49
C SER C 193 -11.06 30.85 -17.54
N ASN C 194 -11.52 29.65 -17.22
CA ASN C 194 -11.19 28.48 -18.02
C ASN C 194 -12.22 28.25 -19.11
N LEU C 195 -11.74 27.94 -20.30
CA LEU C 195 -12.58 27.77 -21.48
C LEU C 195 -13.04 26.33 -21.54
N ALA C 196 -14.35 26.12 -21.64
CA ALA C 196 -14.90 24.78 -21.59
C ALA C 196 -14.88 24.14 -22.97
N SER C 197 -15.31 22.88 -23.03
CA SER C 197 -15.31 22.13 -24.28
C SER C 197 -16.34 22.70 -25.24
N GLY C 198 -15.97 22.76 -26.51
CA GLY C 198 -16.85 23.28 -27.55
C GLY C 198 -16.95 24.78 -27.60
N VAL C 199 -16.33 25.50 -26.68
CA VAL C 199 -16.38 26.96 -26.66
C VAL C 199 -15.31 27.51 -27.59
N PRO C 200 -15.64 28.36 -28.55
CA PRO C 200 -14.61 28.94 -29.41
C PRO C 200 -13.68 29.86 -28.62
N ASP C 201 -12.59 30.25 -29.29
CA ASP C 201 -11.57 31.06 -28.66
C ASP C 201 -12.08 32.44 -28.28
N ARG C 202 -13.21 32.86 -28.86
CA ARG C 202 -13.65 34.25 -28.73
C ARG C 202 -13.82 34.67 -27.27
N PHE C 203 -14.09 33.72 -26.38
CA PHE C 203 -14.51 34.06 -25.02
C PHE C 203 -13.37 33.89 -24.04
N SER C 204 -13.35 34.75 -23.03
CA SER C 204 -12.31 34.72 -22.00
C SER C 204 -12.72 35.57 -20.80
N GLY C 205 -12.63 35.01 -19.61
CA GLY C 205 -12.96 35.71 -18.38
C GLY C 205 -11.70 36.14 -17.64
N SER C 206 -11.74 37.34 -17.07
CA SER C 206 -10.58 37.91 -16.40
C SER C 206 -11.06 38.94 -15.38
N GLY C 207 -10.15 39.32 -14.49
CA GLY C 207 -10.41 40.25 -13.41
C GLY C 207 -9.71 39.79 -12.15
N SER C 208 -10.21 40.23 -11.00
CA SER C 208 -9.72 39.71 -9.74
C SER C 208 -10.70 40.03 -8.62
N GLY C 209 -10.79 39.11 -7.66
CA GLY C 209 -11.41 39.36 -6.37
C GLY C 209 -12.91 39.21 -6.28
N THR C 210 -13.66 40.22 -6.76
CA THR C 210 -15.10 40.28 -6.51
C THR C 210 -15.93 40.69 -7.71
N ALA C 211 -15.35 41.33 -8.72
CA ALA C 211 -16.05 41.67 -9.96
C ALA C 211 -15.17 41.23 -11.12
N PHE C 212 -15.80 40.88 -12.24
CA PHE C 212 -15.09 40.09 -13.23
C PHE C 212 -15.66 40.37 -14.60
N THR C 213 -14.81 40.27 -15.62
CA THR C 213 -15.15 40.63 -16.98
C THR C 213 -15.13 39.39 -17.86
N LEU C 214 -16.25 39.13 -18.54
CA LEU C 214 -16.34 38.07 -19.54
C LEU C 214 -16.20 38.74 -20.91
N THR C 215 -14.98 38.74 -21.43
CA THR C 215 -14.67 39.48 -22.65
C THR C 215 -14.87 38.62 -23.88
N ILE C 216 -15.34 39.25 -24.95
CA ILE C 216 -15.52 38.60 -26.25
C ILE C 216 -14.89 39.50 -27.31
N SER C 217 -14.22 38.88 -28.27
CA SER C 217 -13.60 39.59 -29.39
C SER C 217 -14.20 39.07 -30.69
N ARG C 218 -14.48 40.00 -31.62
CA ARG C 218 -15.07 39.66 -32.90
C ARG C 218 -16.39 38.92 -32.71
N LEU C 219 -17.33 39.62 -32.07
CA LEU C 219 -18.62 39.02 -31.72
C LEU C 219 -19.29 38.43 -32.95
N GLU C 220 -19.71 37.18 -32.83
CA GLU C 220 -20.38 36.46 -33.91
C GLU C 220 -21.88 36.40 -33.65
N ALA C 221 -22.63 36.15 -34.72
CA ALA C 221 -24.09 36.10 -34.61
C ALA C 221 -24.56 35.02 -33.64
N GLU C 222 -23.74 33.99 -33.42
CA GLU C 222 -24.11 32.94 -32.48
C GLU C 222 -23.82 33.33 -31.03
N ASP C 223 -23.22 34.50 -30.80
CA ASP C 223 -22.87 34.95 -29.46
C ASP C 223 -23.96 35.81 -28.86
N VAL C 224 -25.22 35.55 -29.23
CA VAL C 224 -26.36 36.36 -28.82
C VAL C 224 -27.28 35.50 -27.98
N GLY C 225 -27.83 36.08 -26.92
CA GLY C 225 -28.71 35.38 -26.01
C GLY C 225 -28.74 36.10 -24.67
N VAL C 226 -28.89 35.31 -23.61
CA VAL C 226 -28.88 35.81 -22.25
C VAL C 226 -27.77 35.09 -21.49
N TYR C 227 -26.73 35.84 -21.13
CA TYR C 227 -25.65 35.29 -20.32
C TYR C 227 -26.08 35.18 -18.87
N TYR C 228 -25.42 34.29 -18.13
CA TYR C 228 -25.75 34.07 -16.73
C TYR C 228 -24.49 33.87 -15.91
N CYS C 229 -24.44 34.50 -14.74
CA CYS C 229 -23.31 34.38 -13.82
C CYS C 229 -23.78 33.81 -12.49
N MET C 230 -23.07 32.79 -11.99
CA MET C 230 -23.34 32.19 -10.70
C MET C 230 -22.03 32.02 -9.95
N GLN C 231 -22.12 31.96 -8.63
CA GLN C 231 -20.98 31.73 -7.76
C GLN C 231 -21.19 30.42 -7.02
N HIS C 232 -20.18 29.55 -7.07
CA HIS C 232 -20.27 28.19 -6.55
C HIS C 232 -19.22 27.96 -5.47
N LEU C 233 -19.04 28.93 -4.58
CA LEU C 233 -18.16 28.72 -3.43
C LEU C 233 -18.77 27.73 -2.46
N GLU C 234 -20.08 27.80 -2.25
CA GLU C 234 -20.75 26.94 -1.30
C GLU C 234 -22.24 27.00 -1.58
N TYR C 235 -22.94 25.97 -1.13
CA TYR C 235 -24.36 25.93 -1.37
C TYR C 235 -25.09 26.77 -0.33
N PRO C 236 -26.21 27.42 -0.71
CA PRO C 236 -26.88 27.42 -2.02
C PRO C 236 -26.10 28.13 -3.11
N LEU C 237 -26.38 27.77 -4.37
CA LEU C 237 -25.85 28.48 -5.52
C LEU C 237 -26.86 29.52 -5.97
N THR C 238 -26.36 30.69 -6.39
CA THR C 238 -27.22 31.83 -6.70
C THR C 238 -26.84 32.40 -8.05
N PHE C 239 -27.86 32.85 -8.79
CA PHE C 239 -27.70 33.49 -10.07
C PHE C 239 -27.91 34.99 -9.97
N GLY C 240 -27.30 35.73 -10.90
CA GLY C 240 -27.71 37.08 -11.20
C GLY C 240 -28.82 37.09 -12.24
N ALA C 241 -29.30 38.29 -12.53
CA ALA C 241 -30.35 38.44 -13.53
C ALA C 241 -29.87 38.11 -14.94
N GLY C 242 -28.57 37.97 -15.15
CA GLY C 242 -28.03 37.74 -16.46
C GLY C 242 -27.88 39.01 -17.26
N THR C 243 -27.58 38.84 -18.55
CA THR C 243 -27.38 39.95 -19.46
C THR C 243 -27.96 39.56 -20.82
N LYS C 244 -29.06 40.19 -21.20
CA LYS C 244 -29.69 39.93 -22.49
C LYS C 244 -29.07 40.83 -23.55
N LEU C 245 -28.65 40.25 -24.66
CA LEU C 245 -28.01 40.97 -25.75
C LEU C 245 -28.99 41.14 -26.90
N GLU C 246 -29.17 42.39 -27.34
CA GLU C 246 -30.00 42.70 -28.49
C GLU C 246 -29.10 42.95 -29.68
N LEU C 247 -29.05 41.99 -30.60
CA LEU C 247 -28.20 42.11 -31.79
C LEU C 247 -28.90 42.99 -32.82
N LYS C 248 -28.17 43.96 -33.36
CA LYS C 248 -28.71 44.88 -34.35
C LYS C 248 -27.60 45.48 -35.20
N SER D 37 -5.24 -12.04 51.31
CA SER D 37 -4.35 -11.31 52.27
C SER D 37 -4.50 -11.87 53.68
N LEU D 38 -3.45 -11.69 54.49
CA LEU D 38 -3.49 -12.18 55.86
C LEU D 38 -4.58 -11.47 56.65
N ILE D 39 -5.32 -12.25 57.44
CA ILE D 39 -6.41 -11.70 58.25
C ILE D 39 -5.84 -10.80 59.33
N ASP D 62 -1.65 -11.61 63.58
CA ASP D 62 -1.90 -12.88 64.25
C ASP D 62 -0.59 -13.46 64.77
N GLU D 63 -0.71 -14.32 65.79
CA GLU D 63 0.48 -14.85 66.45
C GLU D 63 1.40 -15.54 65.46
N PHE D 64 0.87 -16.47 64.67
CA PHE D 64 1.69 -17.18 63.70
C PHE D 64 1.88 -16.37 62.43
N SER D 65 0.81 -15.71 61.96
CA SER D 65 0.91 -14.90 60.75
C SER D 65 1.99 -13.82 60.90
N ALA D 66 2.23 -13.35 62.12
CA ALA D 66 3.29 -12.38 62.34
C ALA D 66 4.64 -12.91 61.89
N SER D 67 4.81 -14.23 61.90
CA SER D 67 6.07 -14.82 61.46
C SER D 67 6.34 -14.48 59.99
N VAL D 68 5.30 -14.56 59.16
CA VAL D 68 5.46 -14.23 57.74
C VAL D 68 5.98 -12.81 57.59
N LEU D 69 5.46 -11.89 58.39
CA LEU D 69 5.88 -10.49 58.33
C LEU D 69 7.23 -10.26 58.97
N THR D 70 7.80 -11.25 59.64
CA THR D 70 9.06 -11.11 60.36
C THR D 70 10.19 -11.92 59.75
N GLY D 71 9.91 -13.10 59.21
CA GLY D 71 10.96 -13.96 58.73
C GLY D 71 11.65 -13.42 57.49
N LYS D 72 12.82 -13.99 57.22
CA LYS D 72 13.59 -13.61 56.03
C LYS D 72 12.87 -13.96 54.74
N LEU D 73 11.83 -14.81 54.80
CA LEU D 73 11.10 -15.17 53.59
C LEU D 73 10.64 -13.91 52.85
N THR D 74 9.97 -13.01 53.55
CA THR D 74 9.55 -11.74 52.97
C THR D 74 10.57 -10.64 53.17
N THR D 75 11.49 -10.78 54.13
CA THR D 75 12.42 -9.69 54.43
C THR D 75 13.43 -9.49 53.30
N VAL D 76 14.05 -10.57 52.84
CA VAL D 76 15.13 -10.47 51.86
C VAL D 76 14.93 -11.34 50.64
N PHE D 77 14.15 -12.42 50.71
CA PHE D 77 14.03 -13.34 49.58
C PHE D 77 13.08 -12.79 48.52
N LEU D 78 11.89 -12.36 48.93
CA LEU D 78 10.98 -11.75 47.97
C LEU D 78 11.55 -10.48 47.34
N PRO D 79 12.11 -9.53 48.09
CA PRO D 79 12.67 -8.34 47.41
C PRO D 79 13.81 -8.65 46.47
N ILE D 80 14.70 -9.58 46.82
CA ILE D 80 15.84 -9.87 45.96
C ILE D 80 15.37 -10.60 44.70
N VAL D 81 14.46 -11.56 44.85
CA VAL D 81 13.95 -12.26 43.68
C VAL D 81 13.14 -11.32 42.79
N TYR D 82 12.38 -10.42 43.41
CA TYR D 82 11.67 -9.41 42.62
C TYR D 82 12.66 -8.52 41.88
N THR D 83 13.77 -8.18 42.53
CA THR D 83 14.78 -7.35 41.87
C THR D 83 15.33 -8.04 40.63
N ILE D 84 15.57 -9.35 40.73
CA ILE D 84 16.07 -10.10 39.59
C ILE D 84 15.09 -10.03 38.43
N VAL D 85 13.79 -10.05 38.73
CA VAL D 85 12.79 -9.94 37.67
C VAL D 85 12.80 -8.54 37.08
N PHE D 86 12.90 -7.52 37.93
CA PHE D 86 12.83 -6.14 37.45
C PHE D 86 14.02 -5.81 36.55
N VAL D 87 15.22 -6.23 36.93
CA VAL D 87 16.42 -5.82 36.21
C VAL D 87 16.38 -6.24 34.75
N VAL D 88 15.69 -7.34 34.44
CA VAL D 88 15.62 -7.84 33.08
C VAL D 88 14.24 -7.62 32.47
N GLY D 89 13.17 -7.75 33.26
CA GLY D 89 11.84 -7.57 32.71
C GLY D 89 11.65 -6.20 32.07
N LEU D 90 12.17 -5.16 32.71
CA LEU D 90 12.05 -3.82 32.15
C LEU D 90 12.80 -3.68 30.83
N PRO D 91 14.13 -3.83 30.79
CA PRO D 91 14.82 -3.71 29.49
C PRO D 91 14.36 -4.73 28.46
N SER D 92 14.07 -5.96 28.88
CA SER D 92 13.71 -7.00 27.92
C SER D 92 12.42 -6.64 27.20
N ASN D 93 11.36 -6.32 27.95
CA ASN D 93 10.13 -5.87 27.32
C ASN D 93 10.25 -4.45 26.79
N GLY D 94 11.04 -3.61 27.47
CA GLY D 94 11.25 -2.26 26.98
C GLY D 94 11.88 -2.23 25.61
N MET D 95 12.92 -3.04 25.41
CA MET D 95 13.53 -3.15 24.10
C MET D 95 12.55 -3.75 23.10
N ALA D 96 11.71 -4.68 23.56
CA ALA D 96 10.72 -5.26 22.66
C ALA D 96 9.75 -4.21 22.15
N LEU D 97 9.30 -3.32 23.03
CA LEU D 97 8.38 -2.27 22.60
C LEU D 97 9.05 -1.31 21.62
N TRP D 98 10.36 -1.09 21.77
CA TRP D 98 11.06 -0.19 20.86
C TRP D 98 10.99 -0.71 19.42
N VAL D 99 11.25 -2.01 19.24
CA VAL D 99 11.23 -2.58 17.90
C VAL D 99 9.80 -2.66 17.37
N PHE D 100 8.85 -3.06 18.22
CA PHE D 100 7.49 -3.25 17.74
C PHE D 100 6.84 -1.94 17.31
N LEU D 101 7.08 -0.87 18.06
CA LEU D 101 6.42 0.41 17.83
C LEU D 101 7.28 1.37 17.03
N PHE D 102 8.46 1.71 17.54
CA PHE D 102 9.25 2.78 16.92
C PHE D 102 9.89 2.32 15.62
N ARG D 103 10.46 1.12 15.58
CA ARG D 103 11.24 0.70 14.42
C ARG D 103 10.40 -0.07 13.41
N THR D 104 9.61 -1.05 13.85
CA THR D 104 8.75 -1.77 12.94
C THR D 104 7.71 -0.84 12.35
N LYS D 105 7.65 -0.77 11.02
CA LYS D 105 6.77 0.16 10.31
C LYS D 105 5.61 -0.54 9.62
N LYS D 106 5.30 -1.77 10.01
CA LYS D 106 4.19 -2.51 9.43
C LYS D 106 3.24 -2.97 10.52
N LYS D 107 1.94 -2.87 10.24
CA LYS D 107 0.90 -3.24 11.19
C LYS D 107 0.47 -4.71 11.00
N HIS D 108 1.46 -5.60 11.07
CA HIS D 108 1.15 -7.02 10.95
C HIS D 108 0.34 -7.47 12.17
N PRO D 109 -0.63 -8.37 11.98
CA PRO D 109 -1.49 -8.76 13.12
C PRO D 109 -0.72 -9.33 14.29
N ALA D 110 0.33 -10.11 14.04
CA ALA D 110 1.06 -10.75 15.14
C ALA D 110 1.72 -9.71 16.03
N VAL D 111 2.31 -8.68 15.45
CA VAL D 111 3.02 -7.68 16.25
C VAL D 111 2.06 -6.85 17.10
N ILE D 112 0.76 -6.92 16.83
CA ILE D 112 -0.20 -6.17 17.63
C ILE D 112 -0.36 -6.81 19.00
N TYR D 113 -0.67 -8.11 19.04
CA TYR D 113 -0.81 -8.80 20.31
C TYR D 113 0.51 -8.85 21.06
N MET D 114 1.60 -9.12 20.34
CA MET D 114 2.92 -9.15 20.97
C MET D 114 3.29 -7.80 21.54
N ALA D 115 3.01 -6.72 20.80
CA ALA D 115 3.33 -5.39 21.29
C ALA D 115 2.55 -5.06 22.56
N ASN D 116 1.25 -5.37 22.58
CA ASN D 116 0.45 -5.11 23.77
C ASN D 116 0.93 -5.96 24.93
N LEU D 117 1.33 -7.20 24.66
CA LEU D 117 1.89 -8.04 25.73
C LEU D 117 3.12 -7.39 26.34
N ALA D 118 4.00 -6.84 25.50
CA ALA D 118 5.18 -6.15 26.03
C ALA D 118 4.77 -4.99 26.93
N LEU D 119 3.69 -4.30 26.55
CA LEU D 119 3.19 -3.22 27.41
C LEU D 119 2.71 -3.77 28.74
N ALA D 120 1.98 -4.88 28.72
CA ALA D 120 1.47 -5.46 29.97
C ALA D 120 2.60 -5.89 30.89
N ASP D 121 3.74 -6.31 30.32
CA ASP D 121 4.86 -6.75 31.14
C ASP D 121 5.50 -5.58 31.86
N LEU D 122 5.74 -4.47 31.14
CA LEU D 122 6.39 -3.32 31.76
C LEU D 122 5.57 -2.79 32.92
N LEU D 123 4.27 -2.57 32.70
CA LEU D 123 3.43 -1.98 33.74
C LEU D 123 3.47 -2.79 35.02
N SER D 124 3.63 -4.12 34.92
CA SER D 124 3.64 -4.96 36.11
C SER D 124 4.89 -4.76 36.94
N VAL D 125 5.99 -4.36 36.31
CA VAL D 125 7.29 -4.31 36.98
C VAL D 125 7.76 -2.88 37.29
N ILE D 126 7.22 -1.87 36.60
CA ILE D 126 7.72 -0.51 36.80
C ILE D 126 7.54 -0.06 38.24
N TRP D 127 6.53 -0.57 38.94
CA TRP D 127 6.29 -0.20 40.32
C TRP D 127 7.07 -1.04 41.32
N PHE D 128 7.81 -2.04 40.86
CA PHE D 128 8.60 -2.87 41.77
C PHE D 128 9.57 -2.08 42.63
N PRO D 129 10.26 -1.04 42.14
CA PRO D 129 11.15 -0.30 43.03
C PRO D 129 10.49 0.14 44.32
N LEU D 130 9.20 0.46 44.29
CA LEU D 130 8.47 0.72 45.52
C LEU D 130 8.25 -0.57 46.31
N LYS D 131 7.92 -1.66 45.63
CA LYS D 131 7.59 -2.90 46.33
C LYS D 131 8.85 -3.56 46.90
N ILE D 132 9.97 -3.50 46.18
CA ILE D 132 11.20 -4.08 46.72
C ILE D 132 11.62 -3.34 47.98
N ALA D 133 11.55 -2.01 47.96
CA ALA D 133 11.84 -1.23 49.16
C ALA D 133 10.79 -1.47 50.24
N TYR D 134 9.56 -1.77 49.83
CA TYR D 134 8.50 -2.05 50.80
C TYR D 134 8.85 -3.26 51.66
N HIS D 135 9.38 -4.31 51.04
CA HIS D 135 9.62 -5.55 51.78
C HIS D 135 10.83 -5.42 52.69
N ILE D 136 11.92 -4.80 52.23
CA ILE D 136 13.11 -4.73 53.06
C ILE D 136 12.89 -3.85 54.28
N HIS D 137 11.94 -2.91 54.22
CA HIS D 137 11.61 -2.09 55.36
C HIS D 137 10.85 -2.85 56.44
N GLY D 138 10.58 -4.13 56.24
CA GLY D 138 9.85 -4.91 57.23
C GLY D 138 8.35 -4.77 57.08
N ASN D 139 7.87 -4.94 55.85
CA ASN D 139 6.43 -4.83 55.56
C ASN D 139 5.88 -3.48 56.02
N ASN D 140 6.63 -2.42 55.76
CA ASN D 140 6.25 -1.07 56.14
C ASN D 140 5.98 -0.24 54.88
N TRP D 141 4.81 0.37 54.81
CA TRP D 141 4.43 1.22 53.69
C TRP D 141 4.54 2.68 54.13
N ILE D 142 5.61 3.34 53.68
CA ILE D 142 5.87 4.73 54.07
C ILE D 142 5.35 5.74 53.06
N TYR D 143 5.06 5.32 51.83
CA TYR D 143 4.68 6.23 50.75
C TYR D 143 3.19 6.58 50.77
N GLY D 144 2.43 6.10 51.74
CA GLY D 144 1.08 6.55 51.93
C GLY D 144 0.04 5.77 51.16
N GLU D 145 -1.19 6.29 51.22
CA GLU D 145 -2.36 5.53 50.80
C GLU D 145 -2.43 5.42 49.28
N ALA D 146 -2.21 6.53 48.57
CA ALA D 146 -2.43 6.54 47.13
C ALA D 146 -1.47 5.60 46.41
N LEU D 147 -0.21 5.55 46.85
CA LEU D 147 0.78 4.77 46.11
C LEU D 147 0.59 3.28 46.34
N CYS D 148 0.11 2.88 47.51
CA CYS D 148 -0.18 1.46 47.75
C CYS D 148 -1.26 0.97 46.81
N ASN D 149 -2.30 1.77 46.59
CA ASN D 149 -3.37 1.35 45.71
C ASN D 149 -2.94 1.35 44.25
N VAL D 150 -1.85 2.05 43.94
CA VAL D 150 -1.36 2.12 42.57
C VAL D 150 -0.52 0.91 42.24
N LEU D 151 0.43 0.56 43.11
CA LEU D 151 1.31 -0.57 42.85
C LEU D 151 0.52 -1.86 42.72
N ILE D 152 -0.45 -2.09 43.60
CA ILE D 152 -1.22 -3.33 43.59
C ILE D 152 -2.11 -3.39 42.36
N GLY D 153 -2.73 -2.27 42.00
CA GLY D 153 -3.60 -2.26 40.84
C GLY D 153 -2.84 -2.53 39.55
N PHE D 154 -1.71 -1.85 39.38
CA PHE D 154 -0.91 -2.06 38.18
C PHE D 154 -0.29 -3.45 38.16
N PHE D 155 0.24 -3.89 39.31
CA PHE D 155 0.92 -5.18 39.35
C PHE D 155 -0.04 -6.32 39.07
N TYR D 156 -1.24 -6.29 39.67
CA TYR D 156 -2.21 -7.36 39.44
C TYR D 156 -2.98 -7.17 38.15
N GLY D 157 -3.33 -5.92 37.82
CA GLY D 157 -4.03 -5.67 36.57
C GLY D 157 -3.17 -5.97 35.35
N ASN D 158 -1.93 -5.50 35.36
CA ASN D 158 -1.05 -5.73 34.21
C ASN D 158 -0.62 -7.19 34.13
N MET D 159 -0.49 -7.87 35.26
CA MET D 159 -0.11 -9.28 35.23
C MET D 159 -1.22 -10.13 34.63
N TYR D 160 -2.47 -9.91 35.05
CA TYR D 160 -3.56 -10.67 34.46
C TYR D 160 -3.84 -10.21 33.04
N CYS D 161 -3.53 -8.97 32.71
CA CYS D 161 -3.68 -8.51 31.33
C CYS D 161 -2.65 -9.18 30.42
N SER D 162 -1.45 -9.44 30.94
CA SER D 162 -0.45 -10.16 30.15
C SER D 162 -0.94 -11.56 29.80
N ILE D 163 -1.61 -12.22 30.74
CA ILE D 163 -2.15 -13.55 30.47
C ILE D 163 -3.09 -13.51 29.29
N LEU D 164 -3.93 -12.47 29.22
CA LEU D 164 -4.95 -12.42 28.18
C LEU D 164 -4.34 -12.26 26.80
N PHE D 165 -3.31 -11.41 26.68
CA PHE D 165 -2.68 -11.22 25.37
C PHE D 165 -1.96 -12.48 24.93
N MET D 166 -1.38 -13.24 25.86
CA MET D 166 -0.80 -14.53 25.52
C MET D 166 -1.87 -15.48 25.00
N THR D 167 -3.05 -15.45 25.61
CA THR D 167 -4.14 -16.32 25.15
C THR D 167 -4.58 -15.93 23.73
N CYS D 168 -4.62 -14.64 23.45
CA CYS D 168 -5.04 -14.20 22.11
C CYS D 168 -4.03 -14.62 21.05
N LEU D 169 -2.73 -14.65 21.40
CA LEU D 169 -1.73 -15.14 20.45
C LEU D 169 -1.96 -16.60 20.13
N SER D 170 -2.31 -17.41 21.13
CA SER D 170 -2.56 -18.82 20.88
C SER D 170 -3.74 -19.00 19.93
N VAL D 171 -4.81 -18.23 20.14
CA VAL D 171 -5.99 -18.33 19.29
C VAL D 171 -5.87 -17.48 18.05
N GLN D 172 -4.76 -16.74 17.91
CA GLN D 172 -4.41 -16.08 16.66
C GLN D 172 -3.57 -16.98 15.77
N ARG D 173 -2.63 -17.71 16.36
CA ARG D 173 -1.86 -18.68 15.58
C ARG D 173 -2.76 -19.78 15.06
N TYR D 174 -3.62 -20.31 15.91
CA TYR D 174 -4.77 -21.05 15.43
C TYR D 174 -5.69 -20.07 14.68
N TRP D 175 -6.31 -20.53 13.60
CA TRP D 175 -6.98 -19.73 12.58
C TRP D 175 -5.98 -19.11 11.62
N VAL D 176 -4.69 -19.36 11.79
CA VAL D 176 -3.65 -18.92 10.88
C VAL D 176 -2.87 -20.12 10.34
N ILE D 177 -2.35 -20.94 11.24
CA ILE D 177 -1.64 -22.15 10.84
C ILE D 177 -2.65 -23.20 10.41
N VAL D 178 -3.65 -23.44 11.24
CA VAL D 178 -4.81 -24.23 10.84
C VAL D 178 -5.74 -23.35 10.04
N ASN D 179 -6.14 -23.82 8.86
CA ASN D 179 -6.96 -23.04 7.94
C ASN D 179 -6.20 -21.79 7.50
N PRO D 180 -5.04 -21.94 6.85
CA PRO D 180 -4.31 -20.75 6.37
C PRO D 180 -5.07 -20.04 5.27
N MET D 181 -5.11 -18.71 5.36
CA MET D 181 -5.84 -17.90 4.38
C MET D 181 -5.10 -16.68 3.89
N GLY D 182 -3.96 -16.33 4.47
CA GLY D 182 -3.28 -15.09 4.09
C GLY D 182 -4.05 -13.84 4.45
N HIS D 183 -4.75 -13.87 5.59
CA HIS D 183 -5.57 -12.74 6.02
C HIS D 183 -4.76 -11.68 6.75
N SER D 184 -3.45 -11.87 6.93
CA SER D 184 -2.64 -10.90 7.65
C SER D 184 -2.62 -9.54 6.97
N ARG D 185 -2.98 -9.47 5.68
CA ARG D 185 -2.94 -8.20 4.97
C ARG D 185 -4.08 -7.28 5.37
N LYS D 186 -5.16 -7.80 5.95
CA LYS D 186 -6.35 -7.01 6.24
C LYS D 186 -6.92 -7.21 7.63
N LYS D 187 -6.60 -8.32 8.31
CA LYS D 187 -7.22 -8.63 9.59
C LYS D 187 -6.70 -7.75 10.72
N ALA D 188 -5.79 -6.82 10.45
CA ALA D 188 -5.23 -6.00 11.51
C ALA D 188 -6.32 -5.30 12.32
N ASN D 189 -7.40 -4.89 11.66
CA ASN D 189 -8.45 -4.18 12.37
C ASN D 189 -9.07 -5.03 13.47
N ILE D 190 -9.30 -6.31 13.20
CA ILE D 190 -9.82 -7.20 14.23
C ILE D 190 -8.85 -7.28 15.41
N ALA D 191 -7.55 -7.29 15.12
CA ALA D 191 -6.56 -7.36 16.19
C ALA D 191 -6.63 -6.13 17.09
N ILE D 192 -6.74 -4.94 16.49
CA ILE D 192 -6.84 -3.72 17.29
C ILE D 192 -8.10 -3.73 18.13
N GLY D 193 -9.22 -4.14 17.54
CA GLY D 193 -10.49 -4.08 18.25
C GLY D 193 -10.49 -4.95 19.49
N ILE D 194 -10.03 -6.19 19.36
CA ILE D 194 -9.98 -7.08 20.51
C ILE D 194 -8.95 -6.59 21.52
N SER D 195 -7.87 -5.96 21.06
CA SER D 195 -6.83 -5.50 21.97
C SER D 195 -7.39 -4.49 22.96
N LEU D 196 -8.12 -3.49 22.45
CA LEU D 196 -8.69 -2.47 23.34
C LEU D 196 -9.82 -3.02 24.17
N ALA D 197 -10.58 -4.00 23.65
CA ALA D 197 -11.63 -4.60 24.44
C ALA D 197 -11.06 -5.27 25.69
N ILE D 198 -9.91 -5.94 25.55
CA ILE D 198 -9.26 -6.56 26.70
C ILE D 198 -8.77 -5.50 27.67
N TRP D 199 -8.20 -4.41 27.16
CA TRP D 199 -7.72 -3.35 28.03
C TRP D 199 -8.87 -2.75 28.83
N LEU D 200 -10.02 -2.51 28.19
CA LEU D 200 -11.18 -2.04 28.93
C LEU D 200 -11.65 -3.08 29.93
N LEU D 201 -11.58 -4.35 29.57
CA LEU D 201 -12.03 -5.40 30.48
C LEU D 201 -11.20 -5.41 31.76
N ILE D 202 -9.88 -5.32 31.63
CA ILE D 202 -9.03 -5.34 32.82
C ILE D 202 -9.24 -4.08 33.65
N LEU D 203 -9.42 -2.93 32.98
CA LEU D 203 -9.64 -1.69 33.71
C LEU D 203 -10.94 -1.75 34.51
N LEU D 204 -12.02 -2.25 33.90
CA LEU D 204 -13.29 -2.36 34.59
C LEU D 204 -13.27 -3.45 35.64
N VAL D 205 -12.49 -4.51 35.42
CA VAL D 205 -12.39 -5.58 36.41
C VAL D 205 -11.44 -5.19 37.55
N THR D 206 -10.46 -4.32 37.28
CA THR D 206 -9.45 -3.97 38.26
C THR D 206 -9.77 -2.69 39.03
N ILE D 207 -10.87 -2.02 38.72
CA ILE D 207 -11.22 -0.78 39.43
C ILE D 207 -11.53 -1.06 40.90
N PRO D 208 -12.09 -2.22 41.28
CA PRO D 208 -12.28 -2.50 42.70
C PRO D 208 -10.98 -2.60 43.49
N LEU D 209 -9.84 -2.65 42.82
CA LEU D 209 -8.56 -2.69 43.52
C LEU D 209 -8.07 -1.31 43.92
N TYR D 210 -8.66 -0.24 43.37
CA TYR D 210 -8.30 1.13 43.74
C TYR D 210 -9.20 1.73 44.81
N VAL D 211 -10.40 1.19 45.01
CA VAL D 211 -11.36 1.77 45.94
C VAL D 211 -11.29 1.08 47.30
N VAL D 212 -11.14 -0.24 47.31
CA VAL D 212 -11.17 -0.99 48.56
C VAL D 212 -9.98 -0.61 49.42
N LYS D 213 -10.18 -0.61 50.74
CA LYS D 213 -9.18 -0.08 51.66
C LYS D 213 -8.14 -1.15 51.97
N GLN D 214 -6.87 -0.85 51.70
CA GLN D 214 -5.77 -1.74 52.08
C GLN D 214 -4.58 -0.88 52.53
N THR D 215 -4.59 -0.53 53.82
CA THR D 215 -3.45 0.19 54.40
C THR D 215 -3.23 -0.21 55.85
N ILE D 216 -3.87 -1.29 56.32
CA ILE D 216 -4.00 -1.56 57.75
C ILE D 216 -2.68 -1.34 58.47
N PHE D 217 -2.70 -0.51 59.50
CA PHE D 217 -1.53 -0.21 60.33
C PHE D 217 -1.62 -1.00 61.63
N ILE D 218 -1.22 -2.26 61.55
CA ILE D 218 -1.25 -3.12 62.74
C ILE D 218 -0.36 -2.52 63.82
N PRO D 219 -0.84 -2.33 65.05
CA PRO D 219 0.00 -1.69 66.07
C PRO D 219 1.06 -2.61 66.67
N ALA D 220 0.87 -3.92 66.59
CA ALA D 220 1.78 -4.85 67.25
C ALA D 220 3.23 -4.62 66.83
N LEU D 221 3.45 -4.27 65.56
CA LEU D 221 4.79 -3.97 65.06
C LEU D 221 4.94 -2.51 64.65
N ASN D 222 3.95 -1.67 64.90
CA ASN D 222 3.99 -0.27 64.46
C ASN D 222 4.22 -0.19 62.95
N ILE D 223 3.53 -1.04 62.20
CA ILE D 223 3.74 -1.19 60.77
C ILE D 223 2.42 -1.08 60.01
N THR D 224 2.47 -0.41 58.87
CA THR D 224 1.38 -0.41 57.89
C THR D 224 1.88 -1.12 56.64
N THR D 225 1.08 -2.07 56.15
CA THR D 225 1.58 -3.09 55.24
C THR D 225 0.78 -3.17 53.94
N CYS D 226 0.27 -2.03 53.47
CA CYS D 226 -0.43 -1.97 52.19
C CYS D 226 -1.37 -3.16 51.99
N HIS D 227 -1.03 -4.09 51.09
CA HIS D 227 -1.94 -5.15 50.70
C HIS D 227 -1.78 -6.43 51.50
N ASP D 228 -0.63 -6.64 52.15
CA ASP D 228 -0.35 -7.94 52.74
C ASP D 228 -1.39 -8.32 53.78
N VAL D 229 -1.85 -7.35 54.59
CA VAL D 229 -2.88 -7.59 55.60
C VAL D 229 -4.13 -6.83 55.23
N LEU D 230 -5.28 -7.43 55.50
CA LEU D 230 -6.57 -6.84 55.16
C LEU D 230 -7.58 -7.19 56.24
N PRO D 231 -8.57 -6.34 56.48
CA PRO D 231 -9.60 -6.68 57.47
C PRO D 231 -10.39 -7.92 57.07
N GLU D 232 -10.81 -8.69 58.08
CA GLU D 232 -11.60 -9.89 57.82
C GLU D 232 -12.92 -9.55 57.11
N GLN D 233 -13.40 -8.31 57.27
CA GLN D 233 -14.62 -7.92 56.60
C GLN D 233 -14.43 -7.90 55.09
N LEU D 234 -13.27 -7.44 54.64
CA LEU D 234 -12.99 -7.35 53.22
C LEU D 234 -12.58 -8.70 52.63
N LEU D 235 -11.70 -9.41 53.33
CA LEU D 235 -11.19 -10.68 52.82
C LEU D 235 -12.31 -11.71 52.67
N VAL D 236 -13.36 -11.59 53.46
CA VAL D 236 -14.38 -12.64 53.49
C VAL D 236 -15.53 -12.41 52.50
N GLY D 237 -15.81 -11.16 52.13
CA GLY D 237 -16.94 -10.93 51.26
C GLY D 237 -16.77 -9.86 50.20
N ASP D 238 -15.60 -9.22 50.15
CA ASP D 238 -15.35 -8.19 49.14
C ASP D 238 -14.17 -8.59 48.24
N MET D 239 -13.01 -8.87 48.81
CA MET D 239 -11.86 -9.29 47.99
C MET D 239 -11.97 -10.73 47.56
N PHE D 240 -12.71 -11.55 48.31
CA PHE D 240 -12.92 -12.93 47.91
C PHE D 240 -13.56 -13.02 46.53
N ASN D 241 -14.62 -12.23 46.31
CA ASN D 241 -15.29 -12.26 45.02
C ASN D 241 -14.37 -11.76 43.92
N TYR D 242 -13.62 -10.70 44.18
CA TYR D 242 -12.78 -10.11 43.14
C TYR D 242 -11.68 -11.07 42.71
N PHE D 243 -10.95 -11.63 43.68
CA PHE D 243 -9.80 -12.47 43.33
C PHE D 243 -10.23 -13.81 42.75
N LEU D 244 -11.24 -14.44 43.35
CA LEU D 244 -11.70 -15.71 42.82
C LEU D 244 -12.26 -15.55 41.40
N SER D 245 -13.08 -14.51 41.20
CA SER D 245 -13.58 -14.23 39.85
C SER D 245 -12.44 -13.86 38.92
N LEU D 246 -11.48 -13.06 39.41
CA LEU D 246 -10.33 -12.70 38.59
C LEU D 246 -9.50 -13.93 38.25
N ALA D 247 -9.34 -14.84 39.22
CA ALA D 247 -8.55 -16.04 38.97
C ALA D 247 -9.30 -17.02 38.07
N ILE D 248 -10.53 -17.36 38.45
CA ILE D 248 -11.29 -18.34 37.69
C ILE D 248 -11.62 -17.83 36.30
N GLY D 249 -11.87 -16.52 36.17
CA GLY D 249 -12.37 -15.98 34.91
C GLY D 249 -11.30 -15.47 33.97
N VAL D 250 -10.22 -14.92 34.52
CA VAL D 250 -9.20 -14.27 33.71
C VAL D 250 -7.94 -15.11 33.55
N PHE D 251 -7.81 -16.22 34.30
CA PHE D 251 -6.70 -17.14 34.10
C PHE D 251 -7.17 -18.52 33.64
N LEU D 252 -8.05 -19.18 34.40
CA LEU D 252 -8.33 -20.58 34.10
C LEU D 252 -9.00 -20.75 32.75
N PHE D 253 -10.00 -19.93 32.45
CA PHE D 253 -10.65 -20.02 31.15
C PHE D 253 -9.70 -19.70 30.01
N PRO D 254 -8.94 -18.61 30.04
CA PRO D 254 -7.91 -18.42 29.00
C PRO D 254 -6.91 -19.55 28.94
N ALA D 255 -6.63 -20.23 30.05
CA ALA D 255 -5.70 -21.34 30.03
C ALA D 255 -6.24 -22.49 29.21
N PHE D 256 -7.53 -22.76 29.29
CA PHE D 256 -8.12 -23.83 28.48
C PHE D 256 -8.03 -23.50 27.00
N LEU D 257 -8.29 -22.24 26.64
CA LEU D 257 -8.20 -21.85 25.24
C LEU D 257 -6.77 -21.98 24.71
N THR D 258 -5.80 -21.47 25.47
CA THR D 258 -4.43 -21.50 24.99
C THR D 258 -3.87 -22.92 24.96
N ALA D 259 -4.18 -23.73 25.99
CA ALA D 259 -3.68 -25.09 26.02
C ALA D 259 -4.26 -25.90 24.87
N SER D 260 -5.56 -25.78 24.63
CA SER D 260 -6.17 -26.52 23.52
C SER D 260 -5.62 -26.05 22.18
N ALA D 261 -5.39 -24.75 22.03
CA ALA D 261 -4.90 -24.23 20.76
C ALA D 261 -3.53 -24.80 20.42
N TYR D 262 -2.62 -24.84 21.39
CA TYR D 262 -1.26 -25.26 21.12
C TYR D 262 -1.16 -26.76 20.90
N VAL D 263 -1.90 -27.55 21.69
CA VAL D 263 -1.89 -29.00 21.50
C VAL D 263 -2.52 -29.34 20.15
N LEU D 264 -3.59 -28.63 19.78
CA LEU D 264 -4.19 -28.84 18.47
C LEU D 264 -3.21 -28.49 17.35
N MET D 265 -2.40 -27.45 17.55
CA MET D 265 -1.37 -27.12 16.58
C MET D 265 -0.41 -28.28 16.39
N ILE D 266 0.13 -28.82 17.49
CA ILE D 266 1.08 -29.91 17.39
C ILE D 266 0.42 -31.14 16.80
N ARG D 267 -0.87 -31.32 17.04
CA ARG D 267 -1.57 -32.46 16.46
C ARG D 267 -1.60 -32.40 14.94
N MET D 268 -1.36 -31.22 14.36
CA MET D 268 -1.32 -31.07 12.91
C MET D 268 0.09 -30.95 12.36
N LEU D 269 1.00 -30.30 13.09
CA LEU D 269 2.39 -30.21 12.65
C LEU D 269 3.10 -31.56 12.66
N ARG D 270 2.41 -32.63 13.07
CA ARG D 270 2.89 -34.00 12.86
C ARG D 270 1.70 -34.80 12.34
N SER D 271 1.80 -35.26 11.10
CA SER D 271 0.72 -36.02 10.49
C SER D 271 1.17 -36.50 9.12
N SER D 272 0.41 -37.45 8.56
CA SER D 272 0.66 -37.91 7.21
C SER D 272 0.16 -36.93 6.16
N ALA D 273 -0.74 -36.03 6.54
CA ALA D 273 -1.23 -34.98 5.66
C ALA D 273 -0.31 -33.77 5.60
N MET D 274 0.93 -33.94 6.06
CA MET D 274 1.92 -32.87 6.09
C MET D 274 3.14 -33.32 5.29
N ASP D 275 3.75 -32.38 4.55
CA ASP D 275 4.80 -32.75 3.62
C ASP D 275 6.02 -33.30 4.35
N GLU D 276 7.02 -33.74 3.59
CA GLU D 276 8.14 -34.48 4.15
C GLU D 276 9.24 -33.59 4.70
N ASN D 277 9.42 -32.39 4.17
CA ASN D 277 10.52 -31.51 4.57
C ASN D 277 10.17 -30.88 5.92
N SER D 278 10.76 -31.41 6.99
CA SER D 278 10.33 -31.09 8.34
C SER D 278 11.47 -30.68 9.26
N GLU D 279 12.64 -31.27 9.07
CA GLU D 279 13.67 -31.25 10.12
C GLU D 279 13.97 -29.84 10.61
N LYS D 280 13.95 -28.86 9.71
CA LYS D 280 14.31 -27.50 10.09
C LYS D 280 13.12 -26.65 10.54
N LYS D 281 11.90 -26.92 10.07
CA LYS D 281 10.78 -26.03 10.33
C LYS D 281 9.78 -26.61 11.31
N ARG D 282 9.19 -27.77 11.02
CA ARG D 282 8.09 -28.24 11.86
C ARG D 282 8.59 -28.79 13.19
N LYS D 283 9.68 -29.55 13.18
CA LYS D 283 10.22 -30.09 14.43
C LYS D 283 10.62 -28.97 15.37
N ARG D 284 11.24 -27.92 14.85
CA ARG D 284 11.61 -26.79 15.70
C ARG D 284 10.37 -26.12 16.30
N ALA D 285 9.33 -25.93 15.48
CA ALA D 285 8.15 -25.22 15.96
C ALA D 285 7.49 -25.96 17.12
N ILE D 286 7.44 -27.29 17.05
CA ILE D 286 6.79 -28.06 18.11
C ILE D 286 7.47 -27.80 19.45
N LYS D 287 8.80 -27.69 19.45
CA LYS D 287 9.50 -27.43 20.70
C LYS D 287 9.12 -26.08 21.28
N LEU D 288 9.04 -25.06 20.42
CA LEU D 288 8.68 -23.72 20.91
C LEU D 288 7.26 -23.69 21.43
N ILE D 289 6.33 -24.37 20.76
CA ILE D 289 4.95 -24.40 21.21
C ILE D 289 4.87 -25.01 22.61
N VAL D 290 5.56 -26.11 22.83
CA VAL D 290 5.57 -26.73 24.15
C VAL D 290 6.23 -25.79 25.16
N THR D 291 7.29 -25.10 24.75
CA THR D 291 7.96 -24.16 25.64
C THR D 291 7.01 -23.05 26.07
N VAL D 292 6.32 -22.43 25.10
CA VAL D 292 5.42 -21.33 25.42
C VAL D 292 4.28 -21.82 26.30
N LEU D 293 3.70 -22.97 25.96
CA LEU D 293 2.65 -23.53 26.80
C LEU D 293 3.21 -23.96 28.16
N ALA D 294 4.43 -24.49 28.18
CA ALA D 294 5.04 -24.91 29.44
C ALA D 294 5.22 -23.72 30.37
N MET D 295 5.78 -22.61 29.86
CA MET D 295 5.96 -21.43 30.69
C MET D 295 4.61 -20.90 31.18
N TYR D 296 3.62 -20.86 30.29
CA TYR D 296 2.31 -20.33 30.66
C TYR D 296 1.69 -21.14 31.79
N LEU D 297 1.74 -22.47 31.69
CA LEU D 297 1.05 -23.31 32.65
C LEU D 297 1.75 -23.31 34.01
N ILE D 298 3.07 -23.47 34.02
CA ILE D 298 3.77 -23.58 35.30
C ILE D 298 4.02 -22.24 35.95
N CYS D 299 4.07 -21.15 35.18
CA CYS D 299 4.35 -19.85 35.78
C CYS D 299 3.14 -19.31 36.54
N PHE D 300 1.93 -19.58 36.05
CA PHE D 300 0.72 -18.99 36.60
C PHE D 300 -0.15 -19.98 37.36
N THR D 301 -0.23 -21.24 36.91
CA THR D 301 -1.09 -22.19 37.60
C THR D 301 -0.74 -22.35 39.08
N PRO D 302 0.52 -22.50 39.48
CA PRO D 302 0.79 -22.63 40.92
C PRO D 302 0.38 -21.41 41.72
N SER D 303 0.46 -20.21 41.13
CA SER D 303 0.06 -19.01 41.85
C SER D 303 -1.45 -18.91 41.97
N ASN D 304 -2.16 -18.89 40.84
CA ASN D 304 -3.60 -18.79 40.87
C ASN D 304 -4.25 -19.98 41.56
N LEU D 305 -3.56 -21.13 41.58
CA LEU D 305 -4.08 -22.26 42.33
C LEU D 305 -4.03 -21.98 43.83
N LEU D 306 -2.90 -21.48 44.31
CA LEU D 306 -2.79 -21.15 45.73
C LEU D 306 -3.66 -19.95 46.09
N LEU D 307 -3.92 -19.05 45.14
CA LEU D 307 -4.84 -17.95 45.39
C LEU D 307 -6.22 -18.46 45.71
N VAL D 308 -6.71 -19.43 44.93
CA VAL D 308 -8.01 -20.02 45.21
C VAL D 308 -7.98 -20.77 46.53
N VAL D 309 -6.84 -21.41 46.84
CA VAL D 309 -6.73 -22.14 48.10
C VAL D 309 -6.81 -21.17 49.27
N HIS D 310 -6.11 -20.03 49.18
CA HIS D 310 -6.09 -19.08 50.29
C HIS D 310 -7.48 -18.58 50.61
N TYR D 311 -8.09 -17.86 49.66
CA TYR D 311 -9.39 -17.26 49.93
C TYR D 311 -10.47 -18.31 50.17
N PHE D 312 -10.24 -19.55 49.76
CA PHE D 312 -11.18 -20.61 50.09
C PHE D 312 -11.15 -20.91 51.59
N LEU D 313 -9.96 -20.98 52.18
CA LEU D 313 -9.85 -21.22 53.60
C LEU D 313 -10.41 -20.06 54.41
N ILE D 314 -10.16 -18.83 53.97
CA ILE D 314 -10.59 -17.66 54.72
C ILE D 314 -12.10 -17.67 54.90
N LYS D 315 -12.84 -17.92 53.81
CA LYS D 315 -14.29 -17.81 53.85
C LYS D 315 -14.96 -19.04 54.47
N SER D 316 -14.21 -20.07 54.80
CA SER D 316 -14.79 -21.30 55.35
C SER D 316 -14.06 -21.86 56.54
N GLN D 317 -12.77 -21.59 56.72
CA GLN D 317 -11.98 -22.17 57.80
C GLN D 317 -11.14 -21.17 58.56
N GLY D 318 -10.91 -19.97 58.03
CA GLY D 318 -10.14 -18.94 58.69
C GLY D 318 -8.64 -19.20 58.78
N GLN D 319 -8.18 -20.40 58.46
CA GLN D 319 -6.75 -20.73 58.51
C GLN D 319 -6.07 -20.09 57.30
N SER D 320 -5.72 -18.81 57.46
CA SER D 320 -5.27 -17.99 56.33
C SER D 320 -3.75 -17.96 56.20
N HIS D 321 -3.06 -19.02 56.58
CA HIS D 321 -1.60 -19.06 56.47
C HIS D 321 -1.13 -19.38 55.06
N VAL D 322 -2.02 -19.83 54.17
CA VAL D 322 -1.59 -20.21 52.82
C VAL D 322 -0.94 -19.04 52.09
N TYR D 323 -1.15 -17.82 52.57
CA TYR D 323 -0.50 -16.68 51.94
C TYR D 323 1.00 -16.83 51.92
N ALA D 324 1.57 -17.58 52.87
CA ALA D 324 3.01 -17.81 52.87
C ALA D 324 3.46 -18.54 51.61
N LEU D 325 2.69 -19.54 51.18
CA LEU D 325 2.99 -20.23 49.93
C LEU D 325 2.60 -19.39 48.72
N TYR D 326 1.52 -18.63 48.82
CA TYR D 326 1.05 -17.85 47.68
C TYR D 326 2.06 -16.76 47.30
N ILE D 327 2.65 -16.10 48.29
CA ILE D 327 3.56 -15.00 47.99
C ILE D 327 4.78 -15.51 47.23
N VAL D 328 5.32 -16.66 47.65
CA VAL D 328 6.46 -17.22 46.95
C VAL D 328 6.05 -17.78 45.59
N ALA D 329 4.87 -18.41 45.52
CA ALA D 329 4.40 -18.93 44.25
C ALA D 329 4.16 -17.81 43.25
N LEU D 330 3.68 -16.67 43.73
CA LEU D 330 3.46 -15.52 42.85
C LEU D 330 4.75 -14.98 42.25
N CYS D 331 5.91 -15.38 42.79
CA CYS D 331 7.17 -14.97 42.19
C CYS D 331 7.31 -15.55 40.79
N LEU D 332 6.87 -16.79 40.58
CA LEU D 332 6.95 -17.38 39.26
C LEU D 332 6.15 -16.58 38.25
N SER D 333 4.93 -16.16 38.63
CA SER D 333 4.13 -15.34 37.73
C SER D 333 4.83 -14.03 37.42
N THR D 334 5.44 -13.40 38.44
CA THR D 334 6.25 -12.21 38.18
C THR D 334 7.43 -12.54 37.30
N LEU D 335 8.10 -13.66 37.56
CA LEU D 335 9.25 -14.05 36.74
C LEU D 335 8.85 -14.22 35.28
N ASN D 336 7.61 -14.62 35.03
CA ASN D 336 7.16 -14.83 33.66
C ASN D 336 7.19 -13.53 32.87
N SER D 337 7.11 -12.39 33.55
CA SER D 337 7.17 -11.11 32.86
C SER D 337 8.47 -10.92 32.10
N CYS D 338 9.54 -11.63 32.48
CA CYS D 338 10.81 -11.55 31.76
C CYS D 338 11.10 -12.79 30.93
N ILE D 339 10.41 -13.91 31.19
CA ILE D 339 10.54 -15.08 30.32
C ILE D 339 9.87 -14.82 28.97
N ASP D 340 8.74 -14.13 28.98
CA ASP D 340 7.99 -13.88 27.75
C ASP D 340 8.82 -13.24 26.65
N PRO D 341 9.55 -12.14 26.90
CA PRO D 341 10.34 -11.56 25.80
C PRO D 341 11.33 -12.53 25.18
N PHE D 342 11.94 -13.40 25.98
CA PHE D 342 12.92 -14.32 25.44
C PHE D 342 12.26 -15.43 24.63
N VAL D 343 11.08 -15.87 25.03
CA VAL D 343 10.48 -17.05 24.43
C VAL D 343 9.56 -16.70 23.27
N TYR D 344 8.93 -15.52 23.28
CA TYR D 344 7.99 -15.15 22.24
C TYR D 344 8.66 -14.41 21.09
N TYR D 345 9.30 -13.28 21.37
CA TYR D 345 9.79 -12.43 20.30
C TYR D 345 11.20 -12.84 19.86
N PHE D 346 12.11 -13.03 20.81
CA PHE D 346 13.49 -13.39 20.47
C PHE D 346 13.62 -14.83 20.02
N VAL D 347 12.60 -15.66 20.22
CA VAL D 347 12.61 -17.00 19.63
C VAL D 347 12.63 -16.89 18.11
N SER D 348 12.13 -15.79 17.56
CA SER D 348 12.12 -15.60 16.12
C SER D 348 13.53 -15.47 15.58
N HIS D 349 13.74 -16.01 14.38
CA HIS D 349 15.05 -15.90 13.74
C HIS D 349 15.33 -14.47 13.28
N ASP D 350 14.34 -13.82 12.66
CA ASP D 350 14.54 -12.48 12.13
C ASP D 350 14.36 -11.40 13.20
N PHE D 351 13.56 -11.68 14.24
CA PHE D 351 13.37 -10.68 15.29
C PHE D 351 14.70 -10.24 15.87
N ARG D 352 15.64 -11.17 16.01
CA ARG D 352 16.97 -10.80 16.47
C ARG D 352 17.63 -9.84 15.50
N ASP D 353 17.49 -10.08 14.20
CA ASP D 353 18.02 -9.16 13.21
C ASP D 353 17.32 -7.80 13.28
N HIS D 354 15.99 -7.81 13.43
CA HIS D 354 15.27 -6.54 13.56
C HIS D 354 15.74 -5.75 14.77
N ALA D 355 15.92 -6.44 15.90
CA ALA D 355 16.45 -5.78 17.08
C ALA D 355 17.86 -5.27 16.83
N LYS D 356 18.67 -6.03 16.10
CA LYS D 356 20.03 -5.60 15.79
C LYS D 356 20.01 -4.30 14.99
N ASN D 357 19.13 -4.21 14.01
CA ASN D 357 18.99 -2.95 13.26
C ASN D 357 18.43 -1.85 14.17
N ALA D 358 17.54 -2.21 15.09
CA ALA D 358 17.00 -1.21 16.02
C ALA D 358 18.10 -0.61 16.88
N LEU D 359 19.07 -1.42 17.29
CA LEU D 359 20.16 -0.94 18.12
C LEU D 359 21.51 -1.29 17.48
N SER E 6 -14.28 25.77 -1.48
CA SER E 6 -13.92 24.47 -0.84
C SER E 6 -15.00 23.43 -1.07
N ALA E 7 -16.17 23.87 -1.56
CA ALA E 7 -17.23 22.93 -1.86
C ALA E 7 -16.84 22.02 -3.02
N GLU E 8 -16.25 22.60 -4.08
CA GLU E 8 -15.81 21.79 -5.20
C GLU E 8 -14.63 20.91 -4.83
N ASP E 9 -13.74 21.41 -3.98
CA ASP E 9 -12.58 20.61 -3.57
C ASP E 9 -12.99 19.44 -2.69
N LYS E 10 -14.00 19.64 -1.84
CA LYS E 10 -14.49 18.53 -1.03
C LYS E 10 -15.14 17.45 -1.89
N ALA E 11 -15.79 17.85 -2.99
CA ALA E 11 -16.35 16.86 -3.90
C ALA E 11 -15.26 15.98 -4.49
N ALA E 12 -14.05 16.51 -4.66
CA ALA E 12 -12.93 15.69 -5.13
C ALA E 12 -12.56 14.63 -4.10
N VAL E 13 -12.77 14.91 -2.82
CA VAL E 13 -12.47 13.92 -1.80
C VAL E 13 -13.40 12.72 -1.93
N GLU E 14 -14.65 12.98 -2.31
CA GLU E 14 -15.58 11.87 -2.55
C GLU E 14 -15.10 11.00 -3.70
N ARG E 15 -14.58 11.62 -4.76
CA ARG E 15 -14.03 10.85 -5.87
C ARG E 15 -12.76 10.11 -5.44
N SER E 16 -11.95 10.73 -4.57
CA SER E 16 -10.74 10.08 -4.10
C SER E 16 -11.05 8.87 -3.24
N LYS E 17 -12.01 9.00 -2.32
CA LYS E 17 -12.38 7.86 -1.48
C LYS E 17 -13.16 6.82 -2.27
N MET E 18 -13.88 7.25 -3.31
CA MET E 18 -14.53 6.29 -4.18
C MET E 18 -13.51 5.40 -4.88
N ILE E 19 -12.42 5.98 -5.35
CA ILE E 19 -11.37 5.20 -6.00
C ILE E 19 -10.77 4.21 -5.03
N ASP E 20 -10.48 4.67 -3.81
CA ASP E 20 -9.87 3.78 -2.82
C ASP E 20 -10.80 2.62 -2.47
N ARG E 21 -12.12 2.86 -2.51
CA ARG E 21 -13.07 1.80 -2.23
C ARG E 21 -12.96 0.69 -3.27
N ASN E 22 -12.88 1.06 -4.55
CA ASN E 22 -12.78 0.06 -5.60
C ASN E 22 -11.43 -0.62 -5.61
N LEU E 23 -10.36 0.11 -5.28
CA LEU E 23 -9.03 -0.48 -5.26
C LEU E 23 -8.97 -1.62 -4.24
N ARG E 24 -9.45 -1.38 -3.02
CA ARG E 24 -9.48 -2.45 -2.03
C ARG E 24 -10.48 -3.54 -2.40
N GLU E 25 -11.58 -3.17 -3.03
CA GLU E 25 -12.52 -4.17 -3.53
C GLU E 25 -11.85 -5.05 -4.57
N ASP E 26 -11.07 -4.45 -5.47
CA ASP E 26 -10.33 -5.24 -6.45
C ASP E 26 -9.11 -5.89 -5.83
N GLY E 27 -8.51 -5.27 -4.81
CA GLY E 27 -7.34 -5.83 -4.17
C GLY E 27 -7.63 -7.03 -3.29
N GLU E 28 -8.90 -7.32 -3.01
CA GLU E 28 -9.28 -8.51 -2.26
C GLU E 28 -9.55 -9.71 -3.16
N LYS E 29 -9.52 -9.52 -4.48
CA LYS E 29 -9.59 -10.62 -5.43
C LYS E 29 -8.31 -10.79 -6.23
N ALA E 30 -7.51 -9.73 -6.38
CA ALA E 30 -6.15 -9.88 -6.88
C ALA E 30 -5.25 -10.55 -5.87
N ARG E 31 -5.72 -10.72 -4.64
CA ARG E 31 -5.10 -11.55 -3.63
C ARG E 31 -6.08 -12.66 -3.31
N ARG E 32 -5.59 -13.71 -2.64
CA ARG E 32 -6.30 -14.96 -2.39
C ARG E 32 -6.20 -15.89 -3.60
N GLU E 33 -5.61 -15.45 -4.71
CA GLU E 33 -5.16 -16.34 -5.76
C GLU E 33 -3.64 -16.44 -5.68
N LEU E 34 -3.12 -17.62 -5.99
CA LEU E 34 -1.71 -17.93 -5.79
C LEU E 34 -0.99 -17.87 -7.13
N LYS E 35 -0.09 -16.90 -7.28
CA LYS E 35 0.71 -16.79 -8.50
C LYS E 35 1.79 -17.86 -8.51
N LEU E 36 2.04 -18.44 -9.69
CA LEU E 36 3.08 -19.44 -9.86
C LEU E 36 3.83 -19.15 -11.14
N LEU E 37 5.14 -19.39 -11.13
CA LEU E 37 6.00 -19.16 -12.27
C LEU E 37 6.57 -20.48 -12.75
N LEU E 38 6.40 -20.78 -14.03
CA LEU E 38 6.87 -22.02 -14.64
C LEU E 38 8.14 -21.71 -15.43
N LEU E 39 9.26 -22.28 -14.99
CA LEU E 39 10.55 -22.09 -15.64
C LEU E 39 11.13 -23.41 -16.12
N GLY E 40 10.29 -24.25 -16.73
CA GLY E 40 10.80 -25.47 -17.33
C GLY E 40 11.75 -25.16 -18.48
N THR E 41 12.75 -26.03 -18.63
CA THR E 41 13.77 -25.83 -19.65
C THR E 41 13.22 -26.20 -21.03
N GLY E 42 13.90 -25.69 -22.06
CA GLY E 42 13.49 -25.99 -23.41
C GLY E 42 13.49 -27.48 -23.69
N GLU E 43 12.57 -27.91 -24.56
CA GLU E 43 12.38 -29.33 -24.87
C GLU E 43 12.03 -30.11 -23.60
N SER E 44 10.89 -29.77 -23.03
CA SER E 44 10.41 -30.39 -21.80
C SER E 44 8.89 -30.37 -21.79
N GLY E 45 8.32 -31.02 -20.79
CA GLY E 45 6.88 -31.16 -20.68
C GLY E 45 6.20 -30.03 -19.94
N LYS E 46 6.62 -28.79 -20.17
CA LYS E 46 6.03 -27.65 -19.49
C LYS E 46 4.52 -27.62 -19.66
N SER E 47 4.05 -27.68 -20.91
CA SER E 47 2.63 -27.50 -21.20
C SER E 47 1.79 -28.73 -20.90
N THR E 48 2.40 -29.84 -20.49
CA THR E 48 1.68 -31.10 -20.38
C THR E 48 1.07 -31.34 -19.00
N PHE E 49 1.63 -30.73 -17.95
CA PHE E 49 1.25 -31.09 -16.59
C PHE E 49 0.07 -30.28 -16.07
N ILE E 50 -0.74 -29.70 -16.96
CA ILE E 50 -1.99 -29.09 -16.56
C ILE E 50 -3.07 -29.46 -17.58
N THR E 181 1.00 -12.49 -26.78
CA THR E 181 1.75 -11.75 -25.77
C THR E 181 2.96 -12.55 -25.31
N GLY E 182 3.96 -11.85 -24.78
CA GLY E 182 5.14 -12.53 -24.27
C GLY E 182 4.82 -13.48 -23.13
N ILE E 183 3.97 -13.05 -22.21
CA ILE E 183 3.54 -13.89 -21.10
C ILE E 183 2.45 -14.84 -21.56
N ILE E 184 2.49 -16.06 -21.02
CA ILE E 184 1.47 -17.08 -21.28
C ILE E 184 0.92 -17.52 -19.92
N GLU E 185 -0.39 -17.48 -19.78
CA GLU E 185 -1.06 -17.78 -18.52
C GLU E 185 -1.90 -19.04 -18.66
N TYR E 186 -2.03 -19.76 -17.54
CA TYR E 186 -2.91 -20.93 -17.46
C TYR E 186 -3.55 -20.97 -16.08
N PRO E 187 -4.78 -20.53 -15.94
CA PRO E 187 -5.45 -20.61 -14.64
C PRO E 187 -6.04 -21.99 -14.40
N PHE E 188 -6.02 -22.39 -13.13
CA PHE E 188 -6.63 -23.64 -12.70
C PHE E 188 -6.93 -23.52 -11.21
N ASP E 189 -7.85 -24.33 -10.73
CA ASP E 189 -8.27 -24.24 -9.33
C ASP E 189 -8.67 -25.62 -8.82
N LEU E 190 -8.16 -25.96 -7.64
CA LEU E 190 -8.52 -27.18 -6.92
C LEU E 190 -8.94 -26.80 -5.51
N GLN E 191 -10.01 -27.43 -5.03
CA GLN E 191 -10.52 -27.16 -3.68
C GLN E 191 -10.87 -25.70 -3.51
N LYS E 192 -11.26 -25.04 -4.60
CA LYS E 192 -11.73 -23.65 -4.58
C LYS E 192 -10.64 -22.68 -4.16
N VAL E 193 -9.40 -22.93 -4.61
CA VAL E 193 -8.33 -21.95 -4.53
C VAL E 193 -7.80 -21.73 -5.93
N ASN E 194 -7.88 -20.49 -6.40
CA ASN E 194 -7.57 -20.16 -7.79
C ASN E 194 -6.08 -20.00 -7.98
N PHE E 195 -5.50 -20.80 -8.85
CA PHE E 195 -4.09 -20.68 -9.22
C PHE E 195 -3.97 -19.94 -10.54
N HIS E 196 -2.90 -19.16 -10.67
CA HIS E 196 -2.62 -18.40 -11.89
C HIS E 196 -1.14 -18.62 -12.22
N MET E 197 -0.87 -19.54 -13.14
CA MET E 197 0.49 -19.88 -13.52
C MET E 197 0.92 -19.03 -14.71
N PHE E 198 2.17 -18.57 -14.67
CA PHE E 198 2.71 -17.65 -15.66
C PHE E 198 3.92 -18.26 -16.33
N ASP E 199 3.99 -18.10 -17.65
CA ASP E 199 5.13 -18.53 -18.45
C ASP E 199 5.58 -17.37 -19.31
N VAL E 200 6.86 -17.34 -19.64
CA VAL E 200 7.46 -16.27 -20.42
C VAL E 200 8.29 -16.89 -21.54
N GLY E 201 7.99 -16.51 -22.77
CA GLY E 201 8.81 -16.90 -23.91
C GLY E 201 9.73 -15.78 -24.34
N GLY E 202 9.56 -14.59 -23.75
CA GLY E 202 10.39 -13.45 -24.08
C GLY E 202 10.47 -12.45 -22.93
N ARG E 208 15.32 -14.40 -16.52
CA ARG E 208 16.73 -14.04 -16.60
C ARG E 208 16.96 -12.69 -15.93
N LYS E 209 16.28 -11.66 -16.43
CA LYS E 209 16.29 -10.34 -15.83
C LYS E 209 14.91 -9.88 -15.39
N TRP E 210 13.86 -10.25 -16.11
CA TRP E 210 12.50 -9.99 -15.69
C TRP E 210 12.10 -10.81 -14.48
N ILE E 211 12.92 -11.78 -14.08
CA ILE E 211 12.58 -12.66 -12.96
C ILE E 211 12.33 -11.87 -11.69
N GLN E 212 12.90 -10.68 -11.56
CA GLN E 212 12.69 -9.88 -10.37
C GLN E 212 11.22 -9.54 -10.16
N CYS E 213 10.43 -9.54 -11.24
CA CYS E 213 9.01 -9.22 -11.12
C CYS E 213 8.25 -10.27 -10.33
N PHE E 214 8.79 -11.48 -10.23
CA PHE E 214 8.06 -12.62 -9.70
C PHE E 214 8.50 -13.01 -8.30
N ASN E 215 8.94 -12.05 -7.48
CA ASN E 215 9.36 -12.41 -6.13
C ASN E 215 8.19 -12.42 -5.15
N ASP E 216 6.95 -12.31 -5.65
CA ASP E 216 5.75 -12.50 -4.85
C ASP E 216 5.13 -13.87 -5.01
N VAL E 217 5.47 -14.61 -6.06
CA VAL E 217 4.75 -15.84 -6.35
C VAL E 217 4.82 -16.77 -5.15
N THR E 218 3.83 -17.66 -5.04
CA THR E 218 3.87 -18.68 -4.00
C THR E 218 5.03 -19.64 -4.21
N ALA E 219 5.28 -20.04 -5.46
CA ALA E 219 6.32 -21.01 -5.74
C ALA E 219 6.73 -20.90 -7.20
N ILE E 220 7.90 -21.45 -7.50
CA ILE E 220 8.38 -21.62 -8.87
C ILE E 220 8.30 -23.10 -9.22
N ILE E 221 7.80 -23.39 -10.42
CA ILE E 221 7.69 -24.76 -10.90
C ILE E 221 8.73 -24.96 -11.98
N PHE E 222 9.74 -25.78 -11.69
CA PHE E 222 10.83 -26.08 -12.61
C PHE E 222 10.63 -27.51 -13.11
N VAL E 223 10.32 -27.64 -14.39
CA VAL E 223 9.98 -28.93 -15.00
C VAL E 223 11.12 -29.35 -15.91
N VAL E 224 11.63 -30.56 -15.69
CA VAL E 224 12.72 -31.10 -16.49
C VAL E 224 12.41 -32.56 -16.79
N ASP E 225 12.57 -32.95 -18.05
CA ASP E 225 12.48 -34.36 -18.40
C ASP E 225 13.71 -35.10 -17.91
N SER E 226 13.52 -36.18 -17.17
CA SER E 226 14.61 -36.89 -16.54
C SER E 226 15.26 -37.92 -17.47
N SER E 227 15.00 -37.82 -18.77
CA SER E 227 15.44 -38.84 -19.72
C SER E 227 16.67 -38.43 -20.52
N ASP E 228 16.91 -37.14 -20.70
CA ASP E 228 18.09 -36.69 -21.43
C ASP E 228 19.26 -36.51 -20.48
N TYR E 229 20.46 -36.57 -21.02
CA TYR E 229 21.69 -36.38 -20.25
C TYR E 229 22.55 -35.24 -20.76
N ASN E 230 22.71 -35.09 -22.08
CA ASN E 230 23.64 -34.11 -22.60
C ASN E 230 23.29 -32.70 -22.15
N ARG E 231 22.03 -32.45 -21.80
CA ARG E 231 21.62 -31.17 -21.22
C ARG E 231 21.02 -31.32 -19.83
N LEU E 232 21.19 -32.48 -19.19
CA LEU E 232 20.72 -32.63 -17.82
C LEU E 232 21.63 -31.89 -16.86
N GLN E 233 22.94 -31.99 -17.05
CA GLN E 233 23.84 -31.11 -16.32
C GLN E 233 23.54 -29.66 -16.63
N GLU E 234 23.10 -29.36 -17.86
CA GLU E 234 22.61 -28.03 -18.18
C GLU E 234 21.33 -27.72 -17.42
N ALA E 235 20.46 -28.71 -17.26
CA ALA E 235 19.25 -28.51 -16.46
C ALA E 235 19.59 -28.25 -15.00
N LEU E 236 20.59 -28.96 -14.46
CA LEU E 236 21.03 -28.70 -13.10
C LEU E 236 21.59 -27.28 -12.96
N ASN E 237 22.30 -26.80 -13.99
CA ASN E 237 22.73 -25.41 -13.98
C ASN E 237 21.53 -24.48 -13.94
N ASP E 238 20.48 -24.79 -14.69
CA ASP E 238 19.28 -23.96 -14.69
C ASP E 238 18.66 -23.89 -13.30
N PHE E 239 18.58 -25.04 -12.62
CA PHE E 239 17.98 -25.05 -11.29
C PHE E 239 18.79 -24.23 -10.30
N LYS E 240 20.11 -24.35 -10.35
CA LYS E 240 20.95 -23.60 -9.42
C LYS E 240 20.80 -22.10 -9.65
N SER E 241 20.72 -21.68 -10.91
CA SER E 241 20.55 -20.25 -11.19
C SER E 241 19.25 -19.72 -10.60
N ILE E 242 18.23 -20.57 -10.50
CA ILE E 242 16.96 -20.14 -9.91
C ILE E 242 17.02 -20.21 -8.40
N TRP E 243 17.61 -21.29 -7.86
CA TRP E 243 17.63 -21.47 -6.42
C TRP E 243 18.47 -20.41 -5.72
N ASN E 244 19.51 -19.91 -6.38
CA ASN E 244 20.43 -18.94 -5.79
C ASN E 244 20.18 -17.52 -6.25
N ASN E 245 19.15 -17.28 -7.06
CA ASN E 245 18.88 -15.92 -7.52
C ASN E 245 18.57 -15.03 -6.33
N ARG E 246 19.03 -13.79 -6.41
CA ARG E 246 18.89 -12.86 -5.28
C ARG E 246 17.42 -12.70 -4.88
N TRP E 247 16.55 -12.47 -5.86
CA TRP E 247 15.16 -12.15 -5.58
C TRP E 247 14.28 -13.37 -5.33
N LEU E 248 14.83 -14.58 -5.43
CA LEU E 248 14.05 -15.80 -5.29
C LEU E 248 14.41 -16.59 -4.03
N ARG E 249 15.20 -16.03 -3.13
CA ARG E 249 15.65 -16.77 -1.96
C ARG E 249 14.55 -16.97 -0.93
N THR E 250 13.40 -16.30 -1.09
CA THR E 250 12.25 -16.52 -0.23
C THR E 250 11.15 -17.33 -0.91
N ILE E 251 11.44 -17.92 -2.06
CA ILE E 251 10.45 -18.60 -2.88
C ILE E 251 10.82 -20.08 -2.95
N SER E 252 9.87 -20.94 -2.57
CA SER E 252 10.06 -22.37 -2.73
C SER E 252 9.90 -22.77 -4.20
N VAL E 253 10.50 -23.91 -4.54
CA VAL E 253 10.51 -24.41 -5.91
C VAL E 253 9.90 -25.81 -5.91
N ILE E 254 8.87 -26.03 -6.71
CA ILE E 254 8.34 -27.35 -6.96
C ILE E 254 9.02 -27.90 -8.21
N LEU E 255 9.71 -29.03 -8.08
CA LEU E 255 10.46 -29.64 -9.17
C LEU E 255 9.70 -30.86 -9.66
N PHE E 256 9.37 -30.86 -10.95
CA PHE E 256 8.65 -31.97 -11.58
C PHE E 256 9.62 -32.72 -12.48
N LEU E 257 9.89 -33.98 -12.13
CA LEU E 257 10.74 -34.85 -12.95
C LEU E 257 9.84 -35.60 -13.93
N ASN E 258 9.52 -34.94 -15.03
CA ASN E 258 8.63 -35.50 -16.03
C ASN E 258 9.37 -36.52 -16.90
N LYS E 259 8.61 -37.22 -17.73
CA LYS E 259 9.15 -38.20 -18.66
C LYS E 259 9.95 -39.27 -17.93
N GLN E 260 9.47 -39.68 -16.75
CA GLN E 260 10.05 -40.84 -16.09
C GLN E 260 9.86 -42.09 -16.93
N ASP E 261 8.77 -42.17 -17.68
CA ASP E 261 8.55 -43.30 -18.57
C ASP E 261 9.72 -43.43 -19.56
N LEU E 262 10.10 -42.31 -20.19
CA LEU E 262 11.19 -42.37 -21.15
C LEU E 262 12.50 -42.79 -20.47
N LEU E 263 12.80 -42.20 -19.31
CA LEU E 263 13.99 -42.63 -18.57
C LEU E 263 13.87 -44.08 -18.14
N ALA E 264 12.69 -44.48 -17.65
CA ALA E 264 12.51 -45.85 -17.19
C ALA E 264 12.75 -46.82 -18.34
N GLU E 265 12.06 -46.61 -19.46
CA GLU E 265 12.25 -47.48 -20.61
C GLU E 265 13.67 -47.39 -21.14
N LYS E 266 14.25 -46.19 -21.11
CA LYS E 266 15.56 -45.98 -21.73
C LYS E 266 16.65 -46.75 -20.99
N VAL E 267 16.69 -46.63 -19.66
CA VAL E 267 17.67 -47.38 -18.88
C VAL E 267 17.33 -48.88 -18.89
N LEU E 268 16.03 -49.21 -18.87
CA LEU E 268 15.66 -50.62 -18.92
C LEU E 268 16.21 -51.30 -20.17
N ALA E 269 16.12 -50.62 -21.32
CA ALA E 269 16.78 -51.14 -22.52
C ALA E 269 18.30 -51.05 -22.40
N GLY E 270 18.80 -49.98 -21.80
CA GLY E 270 20.23 -49.86 -21.60
C GLY E 270 21.03 -49.58 -22.86
N LYS E 271 20.40 -48.99 -23.88
CA LYS E 271 21.10 -48.71 -25.13
C LYS E 271 22.22 -47.71 -24.94
N SER E 272 22.20 -46.91 -23.87
CA SER E 272 23.27 -45.98 -23.55
C SER E 272 23.55 -46.03 -22.07
N LYS E 273 24.78 -45.69 -21.70
CA LYS E 273 25.27 -45.86 -20.34
C LYS E 273 25.26 -44.52 -19.60
N ILE E 274 24.63 -44.50 -18.42
CA ILE E 274 24.58 -43.29 -17.62
C ILE E 274 25.98 -42.89 -17.18
N GLU E 275 26.81 -43.87 -16.84
CA GLU E 275 28.14 -43.57 -16.30
C GLU E 275 28.97 -42.73 -17.27
N ASP E 276 28.69 -42.83 -18.57
CA ASP E 276 29.42 -42.01 -19.53
C ASP E 276 29.21 -40.53 -19.27
N TYR E 277 28.05 -40.15 -18.74
CA TYR E 277 27.75 -38.76 -18.43
C TYR E 277 27.84 -38.45 -16.94
N PHE E 278 27.49 -39.41 -16.08
CA PHE E 278 27.51 -39.24 -14.63
C PHE E 278 28.32 -40.38 -14.02
N PRO E 279 29.65 -40.28 -14.06
CA PRO E 279 30.47 -41.38 -13.53
C PRO E 279 30.16 -41.72 -12.08
N GLU E 280 29.82 -40.73 -11.26
CA GLU E 280 29.53 -40.98 -9.86
C GLU E 280 28.25 -41.80 -9.65
N PHE E 281 27.44 -41.98 -10.69
CA PHE E 281 26.25 -42.81 -10.54
C PHE E 281 26.60 -44.26 -10.25
N ALA E 282 27.77 -44.72 -10.70
CA ALA E 282 28.16 -46.10 -10.47
C ALA E 282 28.23 -46.45 -8.98
N ARG E 283 28.41 -45.45 -8.12
CA ARG E 283 28.52 -45.67 -6.69
C ARG E 283 27.17 -45.65 -5.99
N TYR E 284 26.09 -45.27 -6.68
CA TYR E 284 24.82 -45.04 -6.00
C TYR E 284 24.16 -46.35 -5.60
N THR E 285 23.40 -46.28 -4.50
CA THR E 285 22.57 -47.39 -4.04
C THR E 285 21.23 -46.82 -3.57
N THR E 286 20.18 -47.60 -3.76
CA THR E 286 18.85 -47.11 -3.48
C THR E 286 18.66 -46.85 -1.98
N PRO E 287 17.88 -45.83 -1.62
CA PRO E 287 17.49 -45.64 -0.22
C PRO E 287 16.17 -46.28 0.17
N GLU E 288 15.46 -46.87 -0.79
CA GLU E 288 14.14 -47.46 -0.54
C GLU E 288 14.11 -48.91 -1.03
N GLY E 295 2.82 -52.43 -10.77
CA GLY E 295 3.98 -52.98 -10.11
C GLY E 295 5.08 -51.97 -9.91
N GLU E 296 6.19 -52.41 -9.31
CA GLU E 296 7.33 -51.54 -9.04
C GLU E 296 8.59 -52.23 -9.55
N ASP E 297 9.40 -51.49 -10.30
CA ASP E 297 10.61 -52.04 -10.90
C ASP E 297 11.81 -51.61 -10.07
N PRO E 298 12.58 -52.53 -9.48
CA PRO E 298 13.77 -52.13 -8.71
C PRO E 298 14.98 -51.81 -9.57
N ARG E 299 14.91 -52.00 -10.88
CA ARG E 299 16.06 -51.75 -11.74
C ARG E 299 16.26 -50.26 -11.97
N VAL E 300 15.27 -49.60 -12.57
CA VAL E 300 15.41 -48.20 -12.93
C VAL E 300 15.20 -47.30 -11.71
N THR E 301 14.44 -47.74 -10.71
CA THR E 301 14.25 -46.92 -9.52
C THR E 301 15.57 -46.63 -8.84
N ARG E 302 16.58 -47.49 -9.04
CA ARG E 302 17.93 -47.16 -8.60
C ARG E 302 18.41 -45.89 -9.27
N ALA E 303 18.18 -45.76 -10.58
CA ALA E 303 18.58 -44.57 -11.31
C ALA E 303 17.64 -43.39 -11.06
N LYS E 304 16.36 -43.67 -10.85
CA LYS E 304 15.38 -42.59 -10.75
C LYS E 304 15.71 -41.65 -9.60
N TYR E 305 16.03 -42.20 -8.43
CA TYR E 305 16.32 -41.36 -7.27
C TYR E 305 17.66 -40.65 -7.40
N PHE E 306 18.52 -41.07 -8.33
CA PHE E 306 19.78 -40.36 -8.53
C PHE E 306 19.53 -38.97 -9.10
N ILE E 307 18.66 -38.86 -10.11
CA ILE E 307 18.39 -37.56 -10.72
C ILE E 307 17.73 -36.64 -9.70
N ARG E 308 16.80 -37.17 -8.90
CA ARG E 308 16.27 -36.37 -7.80
C ARG E 308 17.37 -36.01 -6.81
N LYS E 309 18.24 -36.97 -6.51
CA LYS E 309 19.34 -36.69 -5.59
C LYS E 309 20.19 -35.53 -6.09
N GLU E 310 20.45 -35.49 -7.40
CA GLU E 310 21.26 -34.42 -7.94
C GLU E 310 20.61 -33.06 -7.71
N PHE E 311 19.29 -32.97 -7.91
CA PHE E 311 18.62 -31.69 -7.75
C PHE E 311 18.52 -31.29 -6.28
N VAL E 312 18.16 -32.23 -5.40
CA VAL E 312 18.02 -31.88 -3.99
C VAL E 312 19.37 -31.52 -3.39
N ASP E 313 20.45 -32.15 -3.85
CA ASP E 313 21.77 -31.77 -3.37
C ASP E 313 22.04 -30.29 -3.65
N ILE E 314 21.61 -29.81 -4.82
CA ILE E 314 21.73 -28.38 -5.11
C ILE E 314 20.85 -27.57 -4.17
N SER E 315 19.77 -28.17 -3.66
CA SER E 315 18.84 -27.45 -2.79
C SER E 315 19.40 -27.28 -1.39
N THR E 316 19.73 -28.40 -0.73
CA THR E 316 20.18 -28.34 0.66
C THR E 316 21.52 -27.62 0.79
N ALA E 317 22.27 -27.48 -0.30
CA ALA E 317 23.55 -26.79 -0.25
C ALA E 317 23.40 -25.31 0.06
N SER E 318 22.18 -24.79 0.00
CA SER E 318 21.89 -23.39 0.30
C SER E 318 20.44 -23.29 0.74
N GLY E 319 19.92 -22.08 0.79
CA GLY E 319 18.56 -21.87 1.26
C GLY E 319 18.47 -21.67 2.75
N ASP E 320 19.07 -22.59 3.52
CA ASP E 320 19.15 -22.46 4.96
C ASP E 320 17.76 -22.30 5.59
N GLY E 321 16.78 -23.00 5.02
CA GLY E 321 15.44 -23.02 5.57
C GLY E 321 14.54 -21.87 5.19
N ARG E 322 15.07 -20.86 4.48
CA ARG E 322 14.20 -19.79 4.00
C ARG E 322 13.27 -20.29 2.91
N HIS E 323 13.73 -21.23 2.08
CA HIS E 323 12.90 -21.85 1.06
C HIS E 323 13.35 -23.29 0.87
N ILE E 324 12.44 -24.10 0.33
CA ILE E 324 12.64 -25.53 0.21
C ILE E 324 12.38 -25.96 -1.22
N CYS E 325 13.02 -27.05 -1.63
CA CYS E 325 12.79 -27.67 -2.92
C CYS E 325 11.98 -28.94 -2.73
N TYR E 326 10.88 -29.06 -3.48
CA TYR E 326 9.96 -30.19 -3.35
C TYR E 326 10.03 -31.03 -4.62
N PRO E 327 10.88 -32.05 -4.68
CA PRO E 327 10.99 -32.85 -5.91
C PRO E 327 9.78 -33.73 -6.12
N HIS E 328 9.56 -34.10 -7.39
CA HIS E 328 8.44 -34.93 -7.78
C HIS E 328 8.80 -35.72 -9.03
N PHE E 329 8.18 -36.90 -9.16
CA PHE E 329 8.20 -37.69 -10.38
C PHE E 329 6.80 -37.71 -10.99
N THR E 330 6.72 -37.60 -12.32
CA THR E 330 5.42 -37.55 -12.96
C THR E 330 5.51 -38.10 -14.39
N CYS E 331 4.36 -38.50 -14.91
CA CYS E 331 4.19 -38.90 -16.30
C CYS E 331 3.21 -37.96 -16.98
N ALA E 332 3.42 -37.73 -18.27
CA ALA E 332 2.57 -36.79 -18.99
C ALA E 332 1.27 -37.44 -19.42
N VAL E 333 0.62 -38.15 -18.50
CA VAL E 333 -0.78 -38.56 -18.64
C VAL E 333 -1.49 -38.31 -17.32
N ASP E 334 -0.72 -38.07 -16.27
CA ASP E 334 -1.23 -38.12 -14.91
C ASP E 334 -2.05 -36.89 -14.60
N THR E 335 -3.21 -37.10 -13.97
CA THR E 335 -4.03 -36.00 -13.49
C THR E 335 -3.57 -35.46 -12.14
N GLU E 336 -2.62 -36.12 -11.48
CA GLU E 336 -2.19 -35.71 -10.15
C GLU E 336 -1.33 -34.45 -10.18
N ASN E 337 -0.89 -34.01 -11.36
CA ASN E 337 -0.01 -32.85 -11.42
C ASN E 337 -0.65 -31.63 -10.77
N ALA E 338 -1.97 -31.50 -10.89
CA ALA E 338 -2.63 -30.32 -10.36
C ALA E 338 -2.64 -30.31 -8.84
N ARG E 339 -3.00 -31.45 -8.23
CA ARG E 339 -3.14 -31.49 -6.78
C ARG E 339 -1.81 -31.58 -6.05
N ARG E 340 -0.74 -32.00 -6.74
CA ARG E 340 0.58 -31.99 -6.12
C ARG E 340 0.99 -30.56 -5.80
N ILE E 341 0.71 -29.62 -6.70
CA ILE E 341 1.06 -28.22 -6.47
C ILE E 341 0.20 -27.66 -5.34
N PHE E 342 -1.06 -28.06 -5.26
CA PHE E 342 -1.94 -27.57 -4.20
C PHE E 342 -1.43 -27.99 -2.83
N ASN E 343 -1.05 -29.26 -2.68
CA ASN E 343 -0.47 -29.70 -1.42
C ASN E 343 0.82 -28.96 -1.12
N ASP E 344 1.64 -28.74 -2.16
CA ASP E 344 2.95 -28.15 -1.95
C ASP E 344 2.85 -26.66 -1.60
N CYS E 345 1.86 -25.96 -2.16
CA CYS E 345 1.69 -24.55 -1.83
C CYS E 345 1.09 -24.38 -0.43
N LYS E 346 0.27 -25.33 0.01
CA LYS E 346 -0.22 -25.29 1.39
C LYS E 346 0.94 -25.37 2.37
N ASP E 347 1.91 -26.24 2.09
CA ASP E 347 3.11 -26.30 2.93
C ASP E 347 3.86 -24.98 2.90
N ILE E 348 4.03 -24.40 1.71
CA ILE E 348 4.73 -23.12 1.60
C ILE E 348 4.00 -22.05 2.38
N ILE E 349 2.67 -21.98 2.21
CA ILE E 349 1.89 -20.98 2.93
C ILE E 349 1.91 -21.25 4.42
N LEU E 350 1.77 -22.52 4.82
CA LEU E 350 1.83 -22.85 6.24
C LEU E 350 3.19 -22.47 6.82
N GLN E 351 4.26 -22.76 6.08
CA GLN E 351 5.59 -22.41 6.56
C GLN E 351 5.73 -20.90 6.71
N MET E 352 5.18 -20.14 5.76
CA MET E 352 5.28 -18.69 5.84
C MET E 352 4.63 -18.16 7.11
N ASN E 353 3.50 -18.74 7.50
CA ASN E 353 2.85 -18.34 8.74
C ASN E 353 3.74 -18.67 9.94
N LEU E 354 4.40 -19.83 9.91
CA LEU E 354 5.21 -20.24 11.06
C LEU E 354 6.32 -19.24 11.36
N ARG E 355 6.82 -18.56 10.34
CA ARG E 355 7.93 -17.62 10.55
C ARG E 355 7.43 -16.21 10.86
N GLU E 356 6.33 -15.80 10.23
CA GLU E 356 5.81 -14.46 10.45
C GLU E 356 4.91 -14.36 11.68
N TYR E 357 4.56 -15.50 12.30
CA TYR E 357 3.88 -15.52 13.58
C TYR E 357 4.79 -16.06 14.69
N ASN E 358 6.08 -16.16 14.43
CA ASN E 358 7.08 -16.50 15.44
C ASN E 358 6.78 -17.85 16.12
N LEU E 359 6.80 -18.90 15.30
CA LEU E 359 6.87 -20.27 15.79
C LEU E 359 8.06 -21.02 15.21
N VAL E 360 9.04 -20.31 14.68
CA VAL E 360 10.23 -20.93 14.11
C VAL E 360 11.28 -19.87 13.82
#